data_4AE5
#
_entry.id   4AE5
#
_cell.length_a   69.076
_cell.length_b   70.868
_cell.length_c   79.082
_cell.angle_alpha   90.00
_cell.angle_beta   111.53
_cell.angle_gamma   90.00
#
_symmetry.space_group_name_H-M   'P 1 21 1'
#
loop_
_entity.id
_entity.type
_entity.pdbx_description
1 polymer 'SIGNAL TRANSDUCTION PROTEIN TRAP'
2 non-polymer 'FORMIC ACID'
3 water water
#
_entity_poly.entity_id   1
_entity_poly.type   'polypeptide(L)'
_entity_poly.pdbx_seq_one_letter_code
;MKKLYTSYGTYGFLHQIKINNPTHQLFQFSASDTSVIFEETDGETVLKSPSIYEVIKEIGEFSEHHFYCAIFIPSTEDHA
YQLEKKLISVDDNFRNFGGFKSYRLLRPAKGTTYKIYFGFADRHAYEDFKQSDAFNDHFSKDALSHYFGSSGQHSSYFER
YLYPIKE
;
_entity_poly.pdbx_strand_id   A,B,C,D
#
loop_
_chem_comp.id
_chem_comp.type
_chem_comp.name
_chem_comp.formula
FMT non-polymer 'FORMIC ACID' 'C H2 O2'
#
# COMPACT_ATOMS: atom_id res chain seq x y z
N MET A 1 -0.71 12.32 15.74
CA MET A 1 -1.92 12.74 14.94
C MET A 1 -1.85 14.21 14.56
N LYS A 2 -2.17 14.56 13.31
CA LYS A 2 -1.95 15.94 12.86
C LYS A 2 -3.14 16.78 13.29
N LYS A 3 -2.85 17.95 13.87
CA LYS A 3 -3.86 18.86 14.41
C LYS A 3 -3.65 20.30 13.95
N LEU A 4 -4.73 21.06 13.98
CA LEU A 4 -4.61 22.47 13.70
C LEU A 4 -5.02 23.27 14.92
N TYR A 5 -4.17 24.26 15.27
CA TYR A 5 -4.35 25.13 16.43
C TYR A 5 -4.61 26.55 15.93
N THR A 6 -5.70 27.20 16.39
CA THR A 6 -6.06 28.56 15.93
C THR A 6 -6.13 29.44 17.20
N SER A 7 -5.50 30.60 17.16
CA SER A 7 -5.58 31.63 18.22
C SER A 7 -6.04 32.97 17.62
N TYR A 8 -6.68 33.78 18.46
CA TYR A 8 -7.26 35.07 18.11
C TYR A 8 -6.68 36.12 19.05
N GLY A 9 -6.52 37.34 18.56
CA GLY A 9 -6.04 38.42 19.37
C GLY A 9 -5.84 39.63 18.45
N THR A 10 -5.20 40.68 18.95
CA THR A 10 -4.86 41.83 18.10
C THR A 10 -3.71 41.44 17.14
N TYR A 11 -3.54 42.20 16.05
CA TYR A 11 -2.37 41.99 15.15
C TYR A 11 -1.06 41.91 15.96
N GLY A 12 -0.83 42.89 16.81
CA GLY A 12 0.46 43.00 17.55
C GLY A 12 0.67 41.84 18.50
N PHE A 13 -0.35 41.50 19.30
CA PHE A 13 -0.32 40.27 20.14
C PHE A 13 0.09 38.96 19.40
N LEU A 14 -0.61 38.68 18.29
CA LEU A 14 -0.30 37.49 17.55
C LEU A 14 1.03 37.56 16.82
N HIS A 15 1.40 38.75 16.31
CA HIS A 15 2.66 38.89 15.56
C HIS A 15 3.88 38.69 16.50
N GLN A 16 3.75 39.10 17.76
CA GLN A 16 4.79 38.78 18.76
C GLN A 16 4.98 37.23 18.91
N ILE A 17 3.87 36.46 18.94
CA ILE A 17 4.00 34.98 18.98
C ILE A 17 4.73 34.50 17.76
N LYS A 18 4.37 35.05 16.61
CA LYS A 18 5.02 34.66 15.38
C LYS A 18 6.56 34.79 15.42
N ILE A 19 6.99 35.96 15.84
CA ILE A 19 8.41 36.32 15.77
CA ILE A 19 8.42 36.28 15.77
C ILE A 19 9.23 35.70 16.93
N ASN A 20 8.57 35.45 18.05
CA ASN A 20 9.16 34.69 19.16
C ASN A 20 9.41 33.23 18.84
N ASN A 21 8.74 32.68 17.82
CA ASN A 21 8.76 31.21 17.59
C ASN A 21 9.10 30.91 16.16
N PRO A 22 10.31 31.31 15.71
CA PRO A 22 10.63 31.29 14.30
C PRO A 22 10.77 29.83 13.71
N THR A 23 11.01 28.82 14.56
CA THR A 23 11.07 27.41 14.11
C THR A 23 9.68 26.75 13.79
N HIS A 24 8.61 27.45 14.13
CA HIS A 24 7.27 27.02 13.93
C HIS A 24 6.68 27.75 12.76
N GLN A 25 5.91 27.00 11.96
CA GLN A 25 5.30 27.52 10.73
C GLN A 25 3.93 28.07 11.05
N LEU A 26 3.90 29.34 11.45
CA LEU A 26 2.66 29.98 11.86
C LEU A 26 2.18 30.88 10.72
N PHE A 27 0.87 30.85 10.46
CA PHE A 27 0.24 31.66 9.36
C PHE A 27 -0.72 32.69 10.00
N GLN A 28 -0.43 33.94 9.80
CA GLN A 28 -1.23 34.99 10.48
C GLN A 28 -2.03 35.80 9.44
N PHE A 29 -3.31 36.10 9.74
CA PHE A 29 -4.17 36.84 8.83
C PHE A 29 -5.08 37.83 9.52
N SER A 30 -5.61 38.77 8.72
CA SER A 30 -6.54 39.82 9.19
C SER A 30 -7.99 39.42 8.86
N ALA A 31 -8.85 39.36 9.89
CA ALA A 31 -10.28 39.06 9.71
C ALA A 31 -10.97 40.37 10.02
N SER A 32 -12.27 40.47 9.76
CA SER A 32 -12.92 41.79 9.94
C SER A 32 -13.17 42.06 11.38
N ASP A 33 -13.14 41.01 12.20
CA ASP A 33 -13.45 41.15 13.65
C ASP A 33 -12.30 40.87 14.61
N THR A 34 -11.16 40.44 14.09
CA THR A 34 -10.02 40.07 14.92
C THR A 34 -8.81 39.70 14.04
N SER A 35 -7.61 39.70 14.57
CA SER A 35 -6.51 39.02 13.88
C SER A 35 -6.56 37.50 14.20
N VAL A 36 -6.01 36.65 13.33
CA VAL A 36 -6.08 35.21 13.50
C VAL A 36 -4.68 34.61 13.21
N ILE A 37 -4.24 33.62 14.02
CA ILE A 37 -3.03 32.88 13.68
C ILE A 37 -3.26 31.34 13.83
N PHE A 38 -2.60 30.55 12.97
CA PHE A 38 -2.70 29.04 13.11
C PHE A 38 -1.41 28.31 12.71
N GLU A 39 -1.26 27.08 13.20
CA GLU A 39 -0.21 26.19 12.76
C GLU A 39 -0.79 24.83 12.71
N GLU A 40 -0.27 24.01 11.84
CA GLU A 40 -0.71 22.64 11.69
C GLU A 40 0.49 21.74 11.98
N THR A 41 0.35 20.78 12.89
CA THR A 41 1.52 19.96 13.23
C THR A 41 1.06 18.71 13.95
N ASP A 42 1.83 17.62 13.82
CA ASP A 42 1.59 16.54 14.74
C ASP A 42 2.41 16.66 16.05
N GLY A 43 3.13 17.75 16.26
CA GLY A 43 3.88 17.91 17.54
C GLY A 43 3.21 18.87 18.54
N GLU A 44 4.03 19.54 19.35
CA GLU A 44 3.56 20.58 20.30
C GLU A 44 3.27 21.89 19.57
N THR A 45 2.22 22.59 19.97
CA THR A 45 1.95 23.95 19.48
C THR A 45 2.61 24.99 20.42
N VAL A 46 2.94 26.16 19.89
CA VAL A 46 3.38 27.29 20.72
C VAL A 46 2.25 28.27 21.11
N LEU A 47 1.02 27.96 20.73
CA LEU A 47 -0.11 28.84 21.02
C LEU A 47 -0.67 28.47 22.39
N LYS A 48 -1.19 29.44 23.16
CA LYS A 48 -1.72 29.16 24.52
C LYS A 48 -3.27 29.19 24.54
N SER A 49 -3.89 28.19 25.16
CA SER A 49 -5.34 27.98 24.92
C SER A 49 -5.97 28.12 23.49
N PRO A 50 -5.32 27.52 22.46
CA PRO A 50 -5.90 27.68 21.10
C PRO A 50 -7.19 26.82 20.99
N SER A 51 -7.88 26.96 19.87
CA SER A 51 -9.02 26.12 19.54
C SER A 51 -8.33 24.98 18.83
N ILE A 52 -8.55 23.74 19.26
CA ILE A 52 -7.82 22.61 18.67
C ILE A 52 -8.76 21.79 17.75
N TYR A 53 -8.23 21.30 16.61
CA TYR A 53 -8.95 20.41 15.63
C TYR A 53 -8.03 19.31 15.14
N GLU A 54 -8.58 18.10 14.94
CA GLU A 54 -7.88 17.08 14.16
C GLU A 54 -8.11 17.34 12.69
N VAL A 55 -7.05 17.17 11.89
CA VAL A 55 -7.14 17.26 10.41
C VAL A 55 -7.69 15.94 9.83
N ILE A 56 -8.94 15.98 9.38
CA ILE A 56 -9.67 14.79 8.83
C ILE A 56 -9.29 14.56 7.36
N LYS A 57 -9.26 15.67 6.60
CA LYS A 57 -8.85 15.64 5.21
C LYS A 57 -8.16 16.95 4.85
N GLU A 58 -7.22 16.87 3.90
CA GLU A 58 -6.45 18.02 3.43
C GLU A 58 -6.08 17.87 1.94
N ILE A 59 -5.98 19.02 1.27
CA ILE A 59 -5.42 19.14 -0.06
C ILE A 59 -4.58 20.41 -0.03
N GLY A 60 -3.36 20.36 -0.55
CA GLY A 60 -2.59 21.63 -0.73
C GLY A 60 -1.89 22.19 0.53
N GLU A 61 -1.01 23.13 0.32
CA GLU A 61 -0.24 23.72 1.42
C GLU A 61 -0.75 25.10 1.79
N PHE A 62 -0.54 25.49 3.05
CA PHE A 62 -0.86 26.88 3.43
C PHE A 62 0.13 27.90 2.90
N SER A 63 -0.29 29.14 2.69
CA SER A 63 0.61 30.21 2.37
C SER A 63 0.12 31.53 3.01
N GLU A 64 1.04 32.31 3.58
CA GLU A 64 0.65 33.61 4.05
C GLU A 64 0.08 34.60 3.03
N HIS A 65 0.20 34.32 1.72
CA HIS A 65 -0.30 35.24 0.69
C HIS A 65 -1.65 34.85 0.11
N HIS A 66 -2.21 33.74 0.60
CA HIS A 66 -3.55 33.29 0.15
C HIS A 66 -4.72 33.90 0.93
N PHE A 67 -5.91 33.90 0.33
CA PHE A 67 -7.16 34.28 1.03
C PHE A 67 -7.73 32.97 1.57
N TYR A 68 -8.25 32.99 2.79
CA TYR A 68 -8.93 31.81 3.34
C TYR A 68 -10.35 32.17 3.77
N CYS A 69 -11.28 31.26 3.56
CA CYS A 69 -12.53 31.28 4.28
C CYS A 69 -12.62 30.11 5.29
N ALA A 70 -12.86 30.45 6.55
CA ALA A 70 -13.15 29.52 7.62
C ALA A 70 -14.68 29.40 7.75
N ILE A 71 -15.18 28.19 7.55
CA ILE A 71 -16.64 27.95 7.70
C ILE A 71 -16.87 27.22 8.97
N PHE A 72 -17.72 27.76 9.83
CA PHE A 72 -18.04 27.07 11.09
C PHE A 72 -19.37 26.40 10.91
N ILE A 73 -19.42 25.11 11.19
CA ILE A 73 -20.56 24.26 10.92
C ILE A 73 -21.02 23.63 12.23
N PRO A 74 -22.07 24.19 12.81
CA PRO A 74 -22.57 23.71 14.09
C PRO A 74 -23.26 22.39 13.95
N SER A 75 -23.08 21.50 14.88
CA SER A 75 -23.81 20.27 14.89
C SER A 75 -23.95 19.78 16.34
N THR A 76 -24.48 18.58 16.52
CA THR A 76 -24.83 17.99 17.83
C THR A 76 -24.11 16.68 18.06
N GLU A 77 -24.08 16.20 19.30
CA GLU A 77 -23.43 14.89 19.52
C GLU A 77 -23.99 13.83 18.57
N ASP A 78 -25.30 13.84 18.37
CA ASP A 78 -25.93 12.78 17.58
C ASP A 78 -25.90 12.93 16.08
N HIS A 79 -25.55 14.11 15.59
CA HIS A 79 -25.42 14.34 14.14
C HIS A 79 -23.98 14.38 13.68
N ALA A 80 -23.05 14.51 14.63
CA ALA A 80 -21.62 14.76 14.30
C ALA A 80 -20.97 13.65 13.45
N TYR A 81 -21.23 12.38 13.75
CA TYR A 81 -20.58 11.28 12.96
C TYR A 81 -21.11 11.24 11.53
N GLN A 82 -22.40 11.52 11.37
CA GLN A 82 -22.97 11.50 10.03
C GLN A 82 -22.49 12.74 9.24
N LEU A 83 -22.32 13.87 9.93
CA LEU A 83 -21.88 15.11 9.28
C LEU A 83 -20.50 14.85 8.70
N GLU A 84 -19.62 14.37 9.57
CA GLU A 84 -18.28 14.05 9.17
C GLU A 84 -18.20 13.15 7.90
N LYS A 85 -18.89 12.00 7.89
CA LYS A 85 -18.89 11.11 6.72
C LYS A 85 -19.39 11.80 5.41
N LYS A 86 -20.41 12.61 5.57
CA LYS A 86 -20.87 13.36 4.48
C LYS A 86 -19.80 14.26 3.88
N LEU A 87 -19.14 15.07 4.73
CA LEU A 87 -18.16 16.09 4.30
C LEU A 87 -16.97 15.31 3.65
N ILE A 88 -16.53 14.28 4.33
CA ILE A 88 -15.63 13.25 3.69
C ILE A 88 -15.88 12.80 2.24
N SER A 89 -17.12 12.44 1.94
CA SER A 89 -17.46 11.91 0.67
C SER A 89 -17.68 12.94 -0.45
N VAL A 90 -17.53 14.22 -0.19
CA VAL A 90 -17.74 15.20 -1.26
C VAL A 90 -16.76 15.10 -2.41
N ASP A 91 -17.27 15.19 -3.62
CA ASP A 91 -16.46 15.11 -4.82
C ASP A 91 -15.34 16.12 -4.80
N ASP A 92 -14.14 15.63 -4.92
CA ASP A 92 -12.94 16.41 -4.94
C ASP A 92 -12.78 17.42 -6.07
N ASN A 93 -13.74 17.51 -6.98
CA ASN A 93 -13.55 18.24 -8.23
C ASN A 93 -13.30 19.75 -8.08
N PHE A 94 -13.75 20.28 -6.95
CA PHE A 94 -13.53 21.65 -6.58
C PHE A 94 -12.08 22.03 -6.59
N ARG A 95 -11.23 21.04 -6.40
CA ARG A 95 -9.79 21.27 -6.45
C ARG A 95 -9.32 21.85 -7.80
N ASN A 96 -10.11 21.64 -8.83
CA ASN A 96 -9.76 22.20 -10.15
C ASN A 96 -10.42 23.54 -10.50
N PHE A 97 -11.22 24.07 -9.59
CA PHE A 97 -11.86 25.38 -9.83
C PHE A 97 -10.87 26.55 -9.84
N GLY A 98 -11.14 27.56 -10.65
CA GLY A 98 -10.21 28.68 -10.80
C GLY A 98 -9.80 29.28 -9.46
N GLY A 99 -8.50 29.38 -9.27
CA GLY A 99 -7.99 30.00 -8.02
C GLY A 99 -7.89 29.13 -6.80
N PHE A 100 -8.28 27.86 -6.91
CA PHE A 100 -8.24 27.00 -5.73
C PHE A 100 -6.79 26.76 -5.27
N LYS A 101 -6.54 26.82 -3.97
CA LYS A 101 -5.19 26.56 -3.42
C LYS A 101 -5.18 25.39 -2.42
N SER A 102 -6.09 25.42 -1.45
CA SER A 102 -6.10 24.42 -0.40
C SER A 102 -7.45 24.14 0.22
N TYR A 103 -7.51 23.04 0.93
CA TYR A 103 -8.73 22.63 1.63
C TYR A 103 -8.33 21.88 2.94
N ARG A 104 -9.08 22.15 4.00
CA ARG A 104 -9.01 21.42 5.28
C ARG A 104 -10.38 21.17 5.87
N LEU A 105 -10.65 19.87 6.12
CA LEU A 105 -11.77 19.47 6.93
C LEU A 105 -11.34 19.15 8.38
N LEU A 106 -11.95 19.81 9.35
CA LEU A 106 -11.38 19.89 10.74
C LEU A 106 -12.40 19.42 11.76
N ARG A 107 -12.03 18.37 12.51
CA ARG A 107 -12.88 17.81 13.58
C ARG A 107 -12.51 18.42 14.93
N PRO A 108 -13.46 19.03 15.62
CA PRO A 108 -13.05 19.73 16.85
C PRO A 108 -12.64 18.80 17.97
N ALA A 109 -11.64 19.20 18.76
CA ALA A 109 -11.25 18.46 20.00
C ALA A 109 -12.36 18.62 21.07
N LYS A 110 -12.95 19.80 21.16
CA LYS A 110 -14.06 19.99 22.08
C LYS A 110 -15.34 20.47 21.43
N GLY A 111 -16.43 19.83 21.82
CA GLY A 111 -17.78 20.16 21.33
C GLY A 111 -18.03 19.65 19.92
N THR A 112 -18.95 20.30 19.23
CA THR A 112 -19.42 19.72 18.00
C THR A 112 -19.45 20.68 16.81
N THR A 113 -18.71 21.78 16.86
CA THR A 113 -18.76 22.70 15.69
C THR A 113 -17.60 22.31 14.80
N TYR A 114 -17.93 21.83 13.62
CA TYR A 114 -16.88 21.46 12.63
C TYR A 114 -16.36 22.71 11.94
N LYS A 115 -15.16 22.61 11.35
CA LYS A 115 -14.60 23.75 10.64
C LYS A 115 -14.05 23.29 9.30
N ILE A 116 -14.20 24.16 8.30
CA ILE A 116 -13.58 23.94 6.99
C ILE A 116 -12.72 25.21 6.71
N TYR A 117 -11.47 25.02 6.27
CA TYR A 117 -10.73 26.09 5.59
C TYR A 117 -10.74 25.86 4.09
N PHE A 118 -11.12 26.90 3.31
CA PHE A 118 -10.92 26.97 1.88
C PHE A 118 -9.89 28.05 1.64
N GLY A 119 -8.78 27.65 1.05
CA GLY A 119 -7.75 28.59 0.59
C GLY A 119 -7.85 28.89 -0.89
N PHE A 120 -7.90 30.15 -1.24
CA PHE A 120 -7.96 30.50 -2.68
C PHE A 120 -7.00 31.64 -3.00
N ALA A 121 -6.74 31.88 -4.31
CA ALA A 121 -5.89 33.02 -4.79
C ALA A 121 -6.31 34.34 -4.14
N ASP A 122 -7.60 34.62 -4.14
CA ASP A 122 -8.13 35.87 -3.56
C ASP A 122 -9.59 35.73 -3.16
N ARG A 123 -10.17 36.79 -2.63
CA ARG A 123 -11.52 36.75 -2.17
C ARG A 123 -12.46 36.50 -3.27
N HIS A 124 -12.25 37.14 -4.44
CA HIS A 124 -13.21 36.96 -5.51
C HIS A 124 -13.31 35.49 -5.95
N ALA A 125 -12.17 34.81 -6.03
CA ALA A 125 -12.13 33.43 -6.49
C ALA A 125 -12.96 32.53 -5.56
N TYR A 126 -12.86 32.79 -4.28
CA TYR A 126 -13.62 31.99 -3.29
C TYR A 126 -15.14 32.33 -3.48
N GLU A 127 -15.49 33.60 -3.61
CA GLU A 127 -16.90 33.97 -3.76
C GLU A 127 -17.54 33.46 -5.04
N ASP A 128 -16.74 33.37 -6.11
CA ASP A 128 -17.20 32.66 -7.33
C ASP A 128 -17.46 31.15 -7.09
N PHE A 129 -16.56 30.53 -6.36
CA PHE A 129 -16.70 29.11 -6.07
C PHE A 129 -17.95 28.90 -5.18
N LYS A 130 -18.11 29.81 -4.24
CA LYS A 130 -19.22 29.69 -3.32
C LYS A 130 -20.60 29.69 -4.02
N GLN A 131 -20.68 30.35 -5.15
CA GLN A 131 -21.91 30.27 -5.92
C GLN A 131 -22.13 29.02 -6.72
N SER A 132 -21.10 28.22 -6.97
CA SER A 132 -21.26 27.07 -7.84
C SER A 132 -22.15 26.03 -7.12
N ASP A 133 -22.75 25.17 -7.93
CA ASP A 133 -23.35 23.91 -7.44
C ASP A 133 -22.46 23.09 -6.57
N ALA A 134 -21.15 22.92 -6.93
CA ALA A 134 -20.27 22.07 -6.13
C ALA A 134 -20.22 22.62 -4.67
N PHE A 135 -20.28 23.92 -4.53
CA PHE A 135 -20.33 24.47 -3.16
C PHE A 135 -21.73 24.43 -2.58
N ASN A 136 -22.69 25.00 -3.28
CA ASN A 136 -24.06 25.13 -2.77
C ASN A 136 -24.67 23.82 -2.35
N ASP A 137 -24.32 22.74 -3.07
CA ASP A 137 -25.00 21.51 -2.79
C ASP A 137 -24.31 20.70 -1.68
N HIS A 138 -23.09 21.14 -1.29
CA HIS A 138 -22.27 20.39 -0.31
C HIS A 138 -21.84 21.10 0.97
N PHE A 139 -21.57 22.42 0.91
CA PHE A 139 -20.86 23.12 1.98
C PHE A 139 -21.70 24.30 2.52
N SER A 140 -22.83 24.59 1.86
CA SER A 140 -23.68 25.75 2.29
C SER A 140 -24.47 25.43 3.57
N LYS A 141 -25.03 26.48 4.14
CA LYS A 141 -25.95 26.37 5.25
C LYS A 141 -27.10 25.45 4.92
N ASP A 142 -27.74 25.67 3.75
CA ASP A 142 -28.83 24.85 3.27
C ASP A 142 -28.39 23.38 3.17
N ALA A 143 -27.24 23.14 2.54
CA ALA A 143 -26.74 21.79 2.29
C ALA A 143 -26.54 21.01 3.58
N LEU A 144 -26.17 21.70 4.65
CA LEU A 144 -25.73 21.01 5.84
C LEU A 144 -26.75 21.13 6.99
N SER A 145 -27.81 21.86 6.79
CA SER A 145 -28.75 22.12 7.89
C SER A 145 -29.43 20.88 8.46
N HIS A 146 -29.38 19.73 7.77
CA HIS A 146 -30.00 18.53 8.32
C HIS A 146 -29.18 17.91 9.37
N TYR A 147 -27.97 18.46 9.55
CA TYR A 147 -27.10 18.09 10.68
C TYR A 147 -26.98 19.17 11.79
N PHE A 148 -27.79 20.24 11.74
CA PHE A 148 -27.72 21.29 12.79
C PHE A 148 -28.32 20.90 14.13
N GLY A 149 -27.75 21.48 15.18
N SER A 156 -25.93 29.24 13.90
CA SER A 156 -24.71 30.02 14.05
C SER A 156 -23.66 29.59 12.99
N TYR A 157 -24.07 28.76 12.03
CA TYR A 157 -23.29 28.67 10.80
C TYR A 157 -22.81 30.05 10.38
N PHE A 158 -21.51 30.18 10.18
CA PHE A 158 -21.03 31.42 9.56
C PHE A 158 -19.64 31.25 8.98
N GLU A 159 -19.24 32.26 8.21
CA GLU A 159 -17.94 32.35 7.51
C GLU A 159 -17.11 33.46 8.17
N ARG A 160 -15.87 33.16 8.51
CA ARG A 160 -14.90 34.22 8.82
C ARG A 160 -13.90 34.35 7.70
N TYR A 161 -13.89 35.49 7.03
CA TYR A 161 -12.85 35.69 5.96
C TYR A 161 -11.49 36.09 6.57
N LEU A 162 -10.40 35.51 6.05
CA LEU A 162 -9.00 35.71 6.50
C LEU A 162 -8.20 36.29 5.33
N TYR A 163 -7.81 37.56 5.45
CA TYR A 163 -6.99 38.24 4.42
C TYR A 163 -5.49 38.24 4.75
N PRO A 164 -4.60 38.13 3.73
CA PRO A 164 -3.16 38.20 4.02
C PRO A 164 -2.75 39.53 4.56
N ILE A 165 -1.70 39.53 5.37
CA ILE A 165 -1.25 40.76 6.01
C ILE A 165 -0.35 41.50 5.01
N LYS A 166 -0.60 42.80 4.88
CA LYS A 166 0.20 43.74 4.11
C LYS A 166 1.22 44.42 5.03
N MET B 1 -25.11 4.48 12.29
CA MET B 1 -23.81 4.10 11.66
CA MET B 1 -23.74 4.03 11.64
C MET B 1 -23.90 2.93 10.66
N LYS B 2 -23.73 3.27 9.40
CA LYS B 2 -23.71 2.29 8.34
C LYS B 2 -22.52 1.30 8.42
N LYS B 3 -22.83 -0.01 8.38
CA LYS B 3 -21.81 -1.06 8.39
C LYS B 3 -22.03 -1.98 7.18
N LEU B 4 -20.97 -2.63 6.71
CA LEU B 4 -21.10 -3.64 5.69
C LEU B 4 -20.71 -4.97 6.30
N TYR B 5 -21.51 -5.98 6.02
CA TYR B 5 -21.33 -7.27 6.54
C TYR B 5 -21.06 -8.16 5.30
N THR B 6 -19.97 -8.90 5.31
CA THR B 6 -19.66 -9.87 4.21
C THR B 6 -19.50 -11.31 4.80
N SER B 7 -20.25 -12.27 4.20
CA SER B 7 -20.13 -13.70 4.48
C SER B 7 -19.68 -14.50 3.29
N TYR B 8 -19.10 -15.66 3.59
CA TYR B 8 -18.44 -16.49 2.58
C TYR B 8 -18.88 -17.94 2.72
N GLY B 9 -18.93 -18.69 1.63
CA GLY B 9 -19.12 -20.11 1.74
C GLY B 9 -19.47 -20.66 0.37
N THR B 10 -20.08 -21.84 0.31
CA THR B 10 -20.51 -22.33 -1.02
C THR B 10 -21.65 -21.50 -1.59
N TYR B 11 -21.82 -21.56 -2.90
CA TYR B 11 -22.91 -20.83 -3.54
C TYR B 11 -24.26 -21.21 -2.86
N GLY B 12 -24.47 -22.51 -2.65
CA GLY B 12 -25.76 -23.06 -2.18
C GLY B 12 -26.03 -22.59 -0.76
N PHE B 13 -25.03 -22.68 0.10
CA PHE B 13 -25.11 -22.21 1.48
C PHE B 13 -25.51 -20.74 1.59
N LEU B 14 -24.82 -19.87 0.82
CA LEU B 14 -25.17 -18.44 0.85
C LEU B 14 -26.49 -18.06 0.15
N HIS B 15 -26.79 -18.70 -1.00
CA HIS B 15 -28.08 -18.48 -1.64
C HIS B 15 -29.29 -18.82 -0.74
N GLN B 16 -29.22 -19.91 0.06
CA GLN B 16 -30.26 -20.20 1.04
C GLN B 16 -30.51 -18.99 2.02
N ILE B 17 -29.42 -18.36 2.49
CA ILE B 17 -29.55 -17.17 3.32
C ILE B 17 -30.23 -16.06 2.58
N LYS B 18 -29.85 -15.87 1.30
CA LYS B 18 -30.47 -14.82 0.49
C LYS B 18 -32.00 -14.96 0.32
N ILE B 19 -32.43 -16.15 -0.04
CA ILE B 19 -33.85 -16.33 -0.28
C ILE B 19 -34.67 -16.46 0.98
N ASN B 20 -34.04 -16.86 2.09
CA ASN B 20 -34.71 -16.81 3.40
C ASN B 20 -34.94 -15.43 3.94
N ASN B 21 -34.25 -14.41 3.42
CA ASN B 21 -34.32 -13.05 4.01
C ASN B 21 -34.66 -12.05 2.95
N PRO B 22 -35.88 -12.19 2.35
CA PRO B 22 -36.24 -11.35 1.19
C PRO B 22 -36.32 -9.82 1.49
N THR B 23 -36.58 -9.44 2.74
CA THR B 23 -36.62 -7.99 3.05
C THR B 23 -35.23 -7.36 3.31
N HIS B 24 -34.18 -8.16 3.33
CA HIS B 24 -32.83 -7.64 3.42
C HIS B 24 -32.23 -7.57 2.01
N GLN B 25 -31.56 -6.49 1.66
CA GLN B 25 -30.90 -6.39 0.33
C GLN B 25 -29.53 -6.99 0.34
N LEU B 26 -29.47 -8.29 0.07
CA LEU B 26 -28.23 -9.06 0.05
C LEU B 26 -27.75 -9.21 -1.42
N PHE B 27 -26.47 -8.98 -1.68
CA PHE B 27 -25.89 -9.03 -3.03
C PHE B 27 -24.91 -10.18 -3.01
N GLN B 28 -25.15 -11.16 -3.87
CA GLN B 28 -24.26 -12.31 -3.91
C GLN B 28 -23.46 -12.39 -5.21
N PHE B 29 -22.20 -12.83 -5.11
CA PHE B 29 -21.31 -12.90 -6.28
C PHE B 29 -20.41 -14.09 -6.22
N SER B 30 -19.87 -14.49 -7.37
CA SER B 30 -18.94 -15.62 -7.44
C SER B 30 -17.51 -15.06 -7.45
N ALA B 31 -16.61 -15.64 -6.64
CA ALA B 31 -15.18 -15.29 -6.71
C ALA B 31 -14.40 -16.54 -7.16
N SER B 32 -13.15 -16.36 -7.51
CA SER B 32 -12.33 -17.54 -7.90
C SER B 32 -12.09 -18.49 -6.77
N ASP B 33 -12.20 -18.01 -5.53
CA ASP B 33 -11.94 -18.92 -4.42
C ASP B 33 -13.16 -19.24 -3.50
N THR B 34 -14.33 -18.70 -3.76
CA THR B 34 -15.46 -18.83 -2.83
C THR B 34 -16.66 -18.10 -3.39
N SER B 35 -17.85 -18.38 -2.91
CA SER B 35 -18.96 -17.45 -3.15
C SER B 35 -18.93 -16.41 -2.03
N VAL B 36 -19.57 -15.23 -2.28
CA VAL B 36 -19.47 -14.10 -1.31
C VAL B 36 -20.88 -13.45 -1.29
N ILE B 37 -21.35 -13.05 -0.12
CA ILE B 37 -22.55 -12.27 -0.13
C ILE B 37 -22.38 -11.07 0.80
N PHE B 38 -23.05 -9.96 0.54
CA PHE B 38 -22.91 -8.88 1.54
C PHE B 38 -24.16 -8.04 1.64
N GLU B 39 -24.32 -7.36 2.77
CA GLU B 39 -25.35 -6.33 2.90
C GLU B 39 -24.79 -5.13 3.63
N GLU B 40 -25.33 -3.95 3.35
CA GLU B 40 -24.88 -2.76 4.02
C GLU B 40 -26.10 -2.17 4.72
N THR B 41 -26.00 -1.91 6.03
CA THR B 41 -27.20 -1.48 6.71
C THR B 41 -26.79 -0.80 8.03
N ASP B 42 -27.64 0.12 8.50
CA ASP B 42 -27.40 0.65 9.85
C ASP B 42 -28.18 -0.12 10.87
N GLY B 43 -28.79 -1.26 10.46
CA GLY B 43 -29.60 -2.07 11.35
C GLY B 43 -28.95 -3.41 11.64
N GLU B 44 -29.72 -4.41 12.05
CA GLU B 44 -29.15 -5.75 12.28
C GLU B 44 -28.90 -6.46 10.97
N THR B 45 -27.81 -7.21 10.90
CA THR B 45 -27.61 -8.15 9.80
C THR B 45 -28.32 -9.50 10.00
N VAL B 46 -28.63 -10.17 8.90
CA VAL B 46 -29.07 -11.55 9.03
C VAL B 46 -27.91 -12.54 8.84
N LEU B 47 -26.68 -12.04 8.63
CA LEU B 47 -25.52 -12.95 8.38
C LEU B 47 -24.93 -13.41 9.67
N LYS B 48 -24.34 -14.59 9.65
CA LYS B 48 -23.60 -15.14 10.77
C LYS B 48 -22.16 -15.40 10.33
N SER B 49 -21.24 -15.35 11.25
CA SER B 49 -19.85 -15.21 10.93
C SER B 49 -19.54 -14.16 9.88
N PRO B 50 -20.12 -12.96 9.90
CA PRO B 50 -19.69 -12.03 8.86
C PRO B 50 -18.45 -11.32 9.24
N SER B 51 -17.74 -10.86 8.25
CA SER B 51 -16.72 -9.89 8.41
C SER B 51 -17.41 -8.56 8.45
N ILE B 52 -17.14 -7.76 9.46
CA ILE B 52 -17.82 -6.53 9.66
C ILE B 52 -16.98 -5.27 9.40
N TYR B 53 -17.44 -4.23 8.72
N TYR B 53 -17.52 -4.24 8.77
CA TYR B 53 -16.60 -3.06 8.42
CA TYR B 53 -16.80 -3.00 8.48
C TYR B 53 -17.49 -1.78 8.45
C TYR B 53 -17.66 -1.81 8.82
N GLU B 54 -17.03 -0.67 9.06
CA GLU B 54 -17.77 0.59 9.08
C GLU B 54 -17.49 1.19 7.74
N VAL B 55 -18.51 1.79 7.14
CA VAL B 55 -18.36 2.48 5.83
C VAL B 55 -17.81 3.89 6.08
N ILE B 56 -16.56 4.16 5.71
CA ILE B 56 -15.88 5.48 5.99
C ILE B 56 -16.20 6.47 4.85
N LYS B 57 -16.29 5.91 3.65
CA LYS B 57 -16.60 6.71 2.44
C LYS B 57 -17.34 5.86 1.42
N GLU B 58 -18.26 6.49 0.69
CA GLU B 58 -19.05 5.69 -0.27
C GLU B 58 -19.46 6.57 -1.42
N ILE B 59 -19.52 5.96 -2.60
CA ILE B 59 -20.01 6.68 -3.82
C ILE B 59 -20.86 5.64 -4.51
N GLY B 60 -22.05 6.00 -4.90
CA GLY B 60 -22.84 5.06 -5.80
C GLY B 60 -23.56 3.92 -5.06
N GLU B 61 -24.39 3.19 -5.78
CA GLU B 61 -25.25 2.17 -5.18
C GLU B 61 -24.75 0.83 -5.65
N PHE B 62 -24.91 -0.23 -4.84
CA PHE B 62 -24.69 -1.57 -5.34
C PHE B 62 -25.67 -2.12 -6.42
N SER B 63 -25.20 -3.10 -7.20
CA SER B 63 -26.07 -3.77 -8.12
C SER B 63 -25.62 -5.22 -8.20
N GLU B 64 -26.60 -6.13 -8.28
CA GLU B 64 -26.25 -7.53 -8.54
C GLU B 64 -25.65 -7.78 -9.90
N HIS B 65 -25.69 -6.78 -10.80
CA HIS B 65 -25.19 -7.00 -12.17
C HIS B 65 -23.83 -6.36 -12.38
N HIS B 66 -23.23 -5.78 -11.36
CA HIS B 66 -21.92 -5.12 -11.57
C HIS B 66 -20.79 -6.03 -11.22
N PHE B 67 -19.60 -5.71 -11.72
CA PHE B 67 -18.31 -6.42 -11.34
C PHE B 67 -17.73 -5.62 -10.20
N TYR B 68 -17.26 -6.31 -9.13
CA TYR B 68 -16.54 -5.67 -8.01
C TYR B 68 -15.16 -6.16 -7.86
N CYS B 69 -14.22 -5.29 -7.49
CA CYS B 69 -12.92 -5.77 -7.03
C CYS B 69 -12.80 -5.38 -5.57
N ALA B 70 -12.61 -6.35 -4.68
CA ALA B 70 -12.35 -6.07 -3.24
C ALA B 70 -10.87 -6.09 -3.04
N ILE B 71 -10.31 -4.97 -2.57
CA ILE B 71 -8.86 -4.89 -2.33
C ILE B 71 -8.64 -5.03 -0.82
N PHE B 72 -7.82 -5.99 -0.41
CA PHE B 72 -7.47 -6.15 1.03
C PHE B 72 -6.14 -5.54 1.30
N ILE B 73 -6.09 -4.67 2.33
CA ILE B 73 -4.95 -3.81 2.62
C ILE B 73 -4.51 -4.06 4.08
N PRO B 74 -3.52 -4.97 4.29
CA PRO B 74 -3.10 -5.36 5.64
C PRO B 74 -2.18 -4.39 6.38
N SER B 75 -2.72 -3.71 7.36
CA SER B 75 -1.95 -2.74 8.14
C SER B 75 -1.75 -3.25 9.57
N THR B 76 -1.18 -2.40 10.40
CA THR B 76 -0.86 -2.74 11.77
C THR B 76 -1.62 -1.77 12.65
N GLU B 77 -1.77 -2.13 13.93
CA GLU B 77 -2.29 -1.19 14.93
C GLU B 77 -1.67 0.17 14.80
N ASP B 78 -0.35 0.21 14.72
CA ASP B 78 0.36 1.49 14.73
C ASP B 78 0.26 2.29 13.43
N HIS B 79 -0.04 1.64 12.31
CA HIS B 79 -0.16 2.38 11.03
C HIS B 79 -1.57 2.60 10.62
N ALA B 80 -2.52 1.93 11.25
CA ALA B 80 -3.92 2.00 10.80
C ALA B 80 -4.41 3.45 10.74
N TYR B 81 -4.08 4.27 11.74
CA TYR B 81 -4.70 5.62 11.74
C TYR B 81 -4.22 6.47 10.54
N GLN B 82 -2.92 6.42 10.24
CA GLN B 82 -2.36 7.16 9.10
C GLN B 82 -2.83 6.55 7.78
N LEU B 83 -2.96 5.22 7.75
CA LEU B 83 -3.41 4.59 6.47
C LEU B 83 -4.81 5.09 6.17
N GLU B 84 -5.68 5.04 7.18
CA GLU B 84 -7.06 5.54 6.98
C GLU B 84 -7.10 6.99 6.47
N LYS B 85 -6.35 7.87 7.12
CA LYS B 85 -6.24 9.30 6.72
CA LYS B 85 -6.29 9.27 6.72
C LYS B 85 -5.77 9.45 5.27
N LYS B 86 -4.73 8.70 4.89
CA LYS B 86 -4.22 8.71 3.50
C LYS B 86 -5.34 8.33 2.50
N LEU B 87 -5.99 7.19 2.76
CA LEU B 87 -7.05 6.64 1.83
C LEU B 87 -8.19 7.66 1.74
N ILE B 88 -8.58 8.25 2.87
CA ILE B 88 -9.53 9.42 2.88
C ILE B 88 -9.30 10.51 1.88
N SER B 89 -8.05 10.92 1.72
CA SER B 89 -7.73 12.11 0.98
C SER B 89 -7.35 11.78 -0.45
N VAL B 90 -7.42 10.52 -0.84
CA VAL B 90 -7.13 10.22 -2.25
C VAL B 90 -8.10 10.96 -3.12
N ASP B 91 -7.56 11.55 -4.19
CA ASP B 91 -8.27 12.34 -5.17
C ASP B 91 -9.38 11.50 -5.81
N ASP B 92 -10.53 12.12 -5.94
CA ASP B 92 -11.68 11.51 -6.52
C ASP B 92 -11.66 11.40 -8.05
N ASN B 93 -10.51 11.58 -8.68
CA ASN B 93 -10.45 11.48 -10.14
C ASN B 93 -10.96 10.10 -10.66
N PHE B 94 -10.92 9.07 -9.81
CA PHE B 94 -11.33 7.74 -10.30
C PHE B 94 -12.84 7.67 -10.67
N ARG B 95 -13.64 8.50 -10.03
CA ARG B 95 -15.05 8.68 -10.25
CA ARG B 95 -15.06 8.43 -10.30
C ARG B 95 -15.34 8.87 -11.75
N ASN B 96 -14.32 9.40 -12.46
CA ASN B 96 -14.48 9.85 -13.87
C ASN B 96 -14.06 8.84 -14.97
N PHE B 97 -13.65 7.64 -14.57
CA PHE B 97 -13.17 6.61 -15.48
C PHE B 97 -14.37 5.86 -16.14
N GLY B 98 -14.21 5.42 -17.38
CA GLY B 98 -15.26 4.65 -18.10
C GLY B 98 -15.73 3.44 -17.26
N GLY B 99 -17.03 3.26 -17.22
CA GLY B 99 -17.68 2.12 -16.58
C GLY B 99 -17.62 2.18 -15.04
N PHE B 100 -17.11 3.31 -14.46
CA PHE B 100 -17.12 3.46 -12.96
C PHE B 100 -18.55 3.43 -12.43
N LYS B 101 -18.81 2.63 -11.37
CA LYS B 101 -20.16 2.65 -10.79
C LYS B 101 -20.22 3.00 -9.28
N SER B 102 -19.33 2.42 -8.50
CA SER B 102 -19.42 2.69 -7.05
C SER B 102 -18.05 2.49 -6.37
N TYR B 103 -18.00 2.95 -5.11
CA TYR B 103 -16.75 2.94 -4.31
C TYR B 103 -17.15 2.79 -2.83
N ARG B 104 -16.44 1.91 -2.12
CA ARG B 104 -16.51 1.82 -0.62
C ARG B 104 -15.12 1.77 -0.06
N LEU B 105 -14.85 2.64 0.95
CA LEU B 105 -13.69 2.52 1.82
C LEU B 105 -14.19 2.00 3.18
N LEU B 106 -13.58 0.90 3.63
CA LEU B 106 -14.16 0.13 4.75
C LEU B 106 -13.14 -0.05 5.90
N ARG B 107 -13.54 0.32 7.12
CA ARG B 107 -12.67 0.16 8.27
C ARG B 107 -13.14 -1.10 9.08
N PRO B 108 -12.23 -2.08 9.29
CA PRO B 108 -12.63 -3.34 9.88
C PRO B 108 -13.02 -3.21 11.37
N ALA B 109 -14.01 -3.99 11.79
CA ALA B 109 -14.41 -4.01 13.22
C ALA B 109 -13.35 -4.74 14.07
N LYS B 110 -12.66 -5.66 13.44
CA LYS B 110 -11.73 -6.55 14.16
C LYS B 110 -10.46 -6.56 13.33
N GLY B 111 -9.32 -6.38 13.99
CA GLY B 111 -8.03 -6.49 13.24
C GLY B 111 -7.77 -5.16 12.53
N THR B 112 -6.82 -5.14 11.58
CA THR B 112 -6.43 -3.90 10.88
C THR B 112 -6.23 -4.10 9.37
N THR B 113 -7.02 -5.02 8.77
CA THR B 113 -6.95 -5.16 7.32
C THR B 113 -8.07 -4.32 6.75
N TYR B 114 -7.72 -3.20 6.12
CA TYR B 114 -8.71 -2.34 5.50
C TYR B 114 -9.21 -3.00 4.19
N LYS B 115 -10.42 -2.65 3.76
CA LYS B 115 -10.91 -3.15 2.50
C LYS B 115 -11.44 -2.01 1.65
N ILE B 116 -11.22 -2.10 0.33
CA ILE B 116 -11.86 -1.18 -0.62
C ILE B 116 -12.74 -2.02 -1.61
N TYR B 117 -13.97 -1.57 -1.90
CA TYR B 117 -14.67 -2.13 -3.05
C TYR B 117 -14.67 -1.11 -4.18
N PHE B 118 -14.25 -1.57 -5.36
CA PHE B 118 -14.48 -0.86 -6.65
C PHE B 118 -15.55 -1.55 -7.43
N GLY B 119 -16.66 -0.83 -7.69
CA GLY B 119 -17.74 -1.37 -8.53
C GLY B 119 -17.64 -0.82 -9.96
N PHE B 120 -17.56 -1.68 -10.99
CA PHE B 120 -17.46 -1.19 -12.41
C PHE B 120 -18.45 -1.94 -13.29
N ALA B 121 -18.65 -1.49 -14.56
CA ALA B 121 -19.63 -2.11 -15.39
C ALA B 121 -19.22 -3.58 -15.69
N ASP B 122 -17.93 -3.81 -15.84
CA ASP B 122 -17.39 -5.12 -16.11
C ASP B 122 -15.90 -5.17 -15.71
N ARG B 123 -15.28 -6.34 -15.80
CA ARG B 123 -13.90 -6.48 -15.38
C ARG B 123 -12.92 -5.66 -16.23
N HIS B 124 -13.17 -5.65 -17.54
CA HIS B 124 -12.33 -4.85 -18.48
CA HIS B 124 -12.33 -4.88 -18.49
C HIS B 124 -12.21 -3.45 -18.06
N ALA B 125 -13.34 -2.87 -17.60
CA ALA B 125 -13.33 -1.44 -17.26
C ALA B 125 -12.48 -1.23 -15.97
N TYR B 126 -12.66 -2.11 -15.00
CA TYR B 126 -11.82 -2.00 -13.81
C TYR B 126 -10.31 -2.13 -14.13
N GLU B 127 -9.99 -3.11 -14.96
CA GLU B 127 -8.62 -3.32 -15.36
C GLU B 127 -8.00 -2.17 -16.13
N ASP B 128 -8.78 -1.47 -16.98
CA ASP B 128 -8.22 -0.31 -17.64
C ASP B 128 -7.85 0.79 -16.60
N PHE B 129 -8.74 0.95 -15.61
CA PHE B 129 -8.49 1.93 -14.53
C PHE B 129 -7.22 1.58 -13.79
N LYS B 130 -7.10 0.29 -13.47
CA LYS B 130 -5.94 -0.21 -12.72
C LYS B 130 -4.63 0.12 -13.36
N GLN B 131 -4.63 0.33 -14.68
CA GLN B 131 -3.40 0.66 -15.40
C GLN B 131 -3.03 2.12 -15.31
N SER B 132 -3.87 2.94 -14.73
CA SER B 132 -3.64 4.37 -14.67
C SER B 132 -2.79 4.75 -13.49
N ASP B 133 -2.13 5.90 -13.55
CA ASP B 133 -1.50 6.50 -12.39
C ASP B 133 -2.57 6.82 -11.30
N ALA B 134 -3.79 7.13 -11.68
CA ALA B 134 -4.84 7.36 -10.68
C ALA B 134 -5.01 6.15 -9.79
N PHE B 135 -4.81 4.99 -10.36
CA PHE B 135 -4.75 3.81 -9.54
C PHE B 135 -3.37 3.48 -8.89
N ASN B 136 -2.33 3.48 -9.71
CA ASN B 136 -0.99 3.03 -9.33
C ASN B 136 -0.33 3.91 -8.27
N ASP B 137 -0.66 5.20 -8.26
CA ASP B 137 -0.14 6.07 -7.25
C ASP B 137 -0.85 6.07 -5.94
N HIS B 138 -2.03 5.43 -5.85
CA HIS B 138 -2.89 5.49 -4.67
C HIS B 138 -3.37 4.26 -4.02
N PHE B 139 -3.74 3.25 -4.81
CA PHE B 139 -4.44 2.06 -4.34
C PHE B 139 -3.67 0.79 -4.54
N SER B 140 -2.54 0.86 -5.23
CA SER B 140 -1.74 -0.32 -5.48
C SER B 140 -0.91 -0.79 -4.29
N LYS B 141 -0.38 -2.02 -4.39
CA LYS B 141 0.49 -2.53 -3.32
C LYS B 141 1.67 -1.54 -3.11
N ASP B 142 2.33 -1.08 -4.19
CA ASP B 142 3.50 -0.25 -3.98
C ASP B 142 3.13 1.07 -3.34
N ALA B 143 1.96 1.63 -3.66
CA ALA B 143 1.52 2.95 -3.17
C ALA B 143 1.28 2.91 -1.61
N LEU B 144 0.87 1.76 -1.16
CA LEU B 144 0.39 1.62 0.24
C LEU B 144 1.37 0.83 1.09
N SER B 145 2.47 0.42 0.51
CA SER B 145 3.36 -0.51 1.25
C SER B 145 3.99 0.07 2.51
N HIS B 146 4.09 1.39 2.63
CA HIS B 146 4.66 1.92 3.86
CA HIS B 146 4.62 1.99 3.86
C HIS B 146 3.79 1.62 5.04
N TYR B 147 2.50 1.41 4.80
CA TYR B 147 1.52 1.11 5.88
C TYR B 147 1.36 -0.37 6.34
N PHE B 148 2.05 -1.28 5.66
CA PHE B 148 2.08 -2.70 6.00
C PHE B 148 3.00 -3.08 7.15
N GLY B 149 4.00 -2.25 7.48
N GLN B 153 4.51 -11.55 9.09
CA GLN B 153 3.65 -11.74 10.26
C GLN B 153 2.19 -11.33 10.00
N HIS B 154 1.89 -10.98 8.74
CA HIS B 154 0.59 -10.57 8.38
C HIS B 154 0.11 -11.28 7.11
N SER B 155 -1.18 -11.11 6.84
CA SER B 155 -1.76 -11.44 5.55
C SER B 155 -1.24 -10.53 4.42
N SER B 156 -1.61 -10.84 3.18
CA SER B 156 -1.06 -10.07 2.08
C SER B 156 -2.05 -9.06 1.50
N TYR B 157 -1.48 -8.10 0.76
CA TYR B 157 -2.33 -7.26 -0.12
C TYR B 157 -2.78 -8.14 -1.29
N PHE B 158 -4.07 -8.13 -1.63
CA PHE B 158 -4.61 -8.90 -2.76
C PHE B 158 -5.99 -8.42 -3.15
N GLU B 159 -6.35 -8.75 -4.40
CA GLU B 159 -7.65 -8.49 -4.96
C GLU B 159 -8.50 -9.72 -5.09
N ARG B 160 -9.75 -9.62 -4.62
CA ARG B 160 -10.73 -10.70 -4.85
C ARG B 160 -11.76 -10.14 -5.84
N TYR B 161 -11.69 -10.59 -7.10
CA TYR B 161 -12.76 -10.18 -8.07
C TYR B 161 -14.12 -10.85 -7.79
N LEU B 162 -15.21 -10.11 -7.94
CA LEU B 162 -16.57 -10.62 -7.68
C LEU B 162 -17.42 -10.47 -8.93
N TYR B 163 -17.94 -11.59 -9.38
CA TYR B 163 -18.72 -11.63 -10.68
C TYR B 163 -20.22 -11.86 -10.38
N PRO B 164 -21.12 -11.17 -11.08
CA PRO B 164 -22.56 -11.53 -10.99
C PRO B 164 -22.84 -13.02 -11.03
N ILE B 165 -23.83 -13.45 -10.25
CA ILE B 165 -24.33 -14.82 -10.31
C ILE B 165 -25.30 -14.94 -11.50
N LYS C 2 18.89 -6.75 -1.95
CA LYS C 2 19.90 -6.77 -0.86
C LYS C 2 19.40 -5.84 0.27
N LYS C 3 19.77 -6.12 1.52
CA LYS C 3 19.61 -5.12 2.64
C LYS C 3 20.99 -4.46 2.94
N LEU C 4 20.98 -3.23 3.44
CA LEU C 4 22.18 -2.58 3.91
C LEU C 4 22.01 -2.31 5.44
N TYR C 5 23.06 -2.53 6.20
CA TYR C 5 23.06 -2.38 7.64
C TYR C 5 24.18 -1.43 7.97
N THR C 6 23.87 -0.40 8.77
CA THR C 6 24.84 0.58 9.25
C THR C 6 24.89 0.60 10.79
N SER C 7 26.10 0.49 11.34
CA SER C 7 26.38 0.62 12.76
C SER C 7 27.37 1.72 13.11
N TYR C 8 27.31 2.16 14.37
CA TYR C 8 28.13 3.28 14.89
C TYR C 8 28.82 2.85 16.19
N GLY C 9 29.99 3.42 16.48
CA GLY C 9 30.75 3.16 17.74
C GLY C 9 32.17 3.71 17.59
N THR C 10 33.11 3.29 18.45
CA THR C 10 34.51 3.68 18.34
C THR C 10 35.16 2.82 17.31
N TYR C 11 36.34 3.23 16.84
CA TYR C 11 37.05 2.48 15.82
C TYR C 11 37.30 1.04 16.23
N GLY C 12 37.75 0.85 17.48
CA GLY C 12 38.18 -0.44 18.02
C GLY C 12 37.03 -1.41 18.18
N PHE C 13 35.90 -0.91 18.68
CA PHE C 13 34.65 -1.70 18.87
C PHE C 13 34.15 -2.25 17.53
N LEU C 14 34.04 -1.37 16.53
CA LEU C 14 33.57 -1.76 15.23
C LEU C 14 34.60 -2.59 14.54
N HIS C 15 35.88 -2.24 14.68
CA HIS C 15 36.96 -3.01 14.02
C HIS C 15 37.00 -4.50 14.45
N GLN C 16 36.55 -4.75 15.69
CA GLN C 16 36.60 -6.13 16.30
C GLN C 16 35.66 -7.08 15.53
N ILE C 17 34.55 -6.53 15.07
CA ILE C 17 33.64 -7.25 14.25
C ILE C 17 34.27 -7.71 12.94
N LYS C 18 34.94 -6.82 12.20
CA LYS C 18 35.72 -7.25 11.02
C LYS C 18 36.63 -8.44 11.20
N ILE C 19 37.50 -8.40 12.23
CA ILE C 19 38.40 -9.52 12.61
C ILE C 19 37.68 -10.81 12.83
N ASN C 20 36.62 -10.73 13.63
CA ASN C 20 35.94 -11.97 14.03
C ASN C 20 35.19 -12.58 12.85
N ASN C 21 35.04 -11.83 11.75
CA ASN C 21 34.14 -12.26 10.69
C ASN C 21 34.67 -12.12 9.24
N PRO C 22 35.73 -12.85 8.91
CA PRO C 22 36.36 -12.66 7.60
C PRO C 22 35.44 -13.07 6.42
N THR C 23 34.42 -13.89 6.71
CA THR C 23 33.46 -14.36 5.71
C THR C 23 32.29 -13.44 5.54
N HIS C 24 32.33 -12.28 6.20
CA HIS C 24 31.53 -11.15 5.79
C HIS C 24 32.40 -10.10 5.23
N GLN C 25 31.81 -9.21 4.45
CA GLN C 25 32.50 -8.08 3.92
C GLN C 25 31.99 -6.74 4.54
N LEU C 26 32.84 -6.14 5.35
CA LEU C 26 32.42 -4.94 6.09
C LEU C 26 33.30 -3.73 5.70
N PHE C 27 32.61 -2.57 5.54
CA PHE C 27 33.21 -1.31 5.17
C PHE C 27 33.18 -0.28 6.32
N GLN C 28 34.36 0.01 6.84
CA GLN C 28 34.52 0.90 8.00
C GLN C 28 35.20 2.23 7.62
N PHE C 29 34.68 3.32 8.16
CA PHE C 29 35.16 4.69 7.84
C PHE C 29 35.20 5.58 9.06
N SER C 30 36.06 6.58 8.93
CA SER C 30 36.19 7.63 9.93
C SER C 30 35.17 8.72 9.67
N ALA C 31 34.48 9.11 10.71
CA ALA C 31 33.60 10.24 10.61
C ALA C 31 33.77 11.12 11.81
N SER C 32 33.06 12.23 11.82
CA SER C 32 33.11 13.09 12.92
C SER C 32 32.52 12.44 14.17
N ASP C 33 33.38 12.27 15.15
CA ASP C 33 33.08 11.71 16.46
C ASP C 33 32.60 10.28 16.54
N THR C 34 32.64 9.57 15.43
CA THR C 34 32.24 8.18 15.42
C THR C 34 32.91 7.40 14.36
N SER C 35 33.19 6.14 14.61
CA SER C 35 33.51 5.32 13.51
C SER C 35 32.16 4.91 12.90
N VAL C 36 32.17 4.53 11.66
CA VAL C 36 30.91 4.06 11.00
C VAL C 36 31.24 2.79 10.28
N ILE C 37 30.32 1.80 10.28
CA ILE C 37 30.63 0.60 9.56
C ILE C 37 29.34 0.15 8.88
N PHE C 38 29.42 -0.38 7.66
CA PHE C 38 28.25 -0.88 6.96
C PHE C 38 28.51 -2.23 6.19
N GLU C 39 27.42 -2.99 5.97
CA GLU C 39 27.37 -4.33 5.32
C GLU C 39 26.20 -4.36 4.36
N GLU C 40 26.40 -4.84 3.13
CA GLU C 40 25.25 -5.00 2.23
C GLU C 40 25.16 -6.48 1.90
N THR C 41 24.07 -7.14 2.27
CA THR C 41 23.98 -8.58 2.03
C THR C 41 22.51 -8.99 1.98
N ASP C 42 22.20 -10.12 1.36
CA ASP C 42 20.81 -10.58 1.46
C ASP C 42 20.67 -11.70 2.47
N GLY C 43 21.72 -11.94 3.24
CA GLY C 43 21.70 -12.90 4.37
C GLY C 43 21.84 -12.20 5.72
N GLU C 44 22.33 -12.88 6.75
CA GLU C 44 22.32 -12.29 8.09
C GLU C 44 23.51 -11.35 8.30
N THR C 45 23.25 -10.24 8.98
CA THR C 45 24.29 -9.28 9.31
C THR C 45 25.02 -9.72 10.56
N VAL C 46 26.30 -9.41 10.66
CA VAL C 46 27.04 -9.65 11.89
C VAL C 46 27.14 -8.33 12.65
N LEU C 47 26.52 -7.24 12.15
CA LEU C 47 26.54 -5.97 12.84
C LEU C 47 25.58 -5.94 13.98
N LYS C 48 25.88 -5.09 14.97
CA LYS C 48 25.13 -4.97 16.21
C LYS C 48 24.24 -3.73 16.31
N SER C 49 22.97 -3.99 16.59
CA SER C 49 21.88 -2.98 16.63
C SER C 49 21.93 -1.99 15.41
N PRO C 50 22.00 -2.54 14.19
CA PRO C 50 22.19 -1.63 13.07
C PRO C 50 20.92 -0.88 12.68
N SER C 51 21.08 0.20 11.91
CA SER C 51 19.92 0.80 11.24
C SER C 51 19.79 -0.01 9.98
N ILE C 52 18.59 -0.46 9.68
CA ILE C 52 18.39 -1.40 8.59
C ILE C 52 17.69 -0.73 7.38
N TYR C 53 18.12 -1.08 6.17
CA TYR C 53 17.58 -0.45 4.94
C TYR C 53 17.41 -1.51 3.85
N GLU C 54 16.46 -1.30 2.94
CA GLU C 54 16.44 -2.07 1.68
C GLU C 54 17.07 -1.21 0.60
N VAL C 55 17.83 -1.84 -0.30
CA VAL C 55 18.57 -1.13 -1.31
C VAL C 55 17.60 -0.97 -2.48
N ILE C 56 17.10 0.26 -2.71
CA ILE C 56 16.14 0.56 -3.77
C ILE C 56 16.78 0.68 -5.15
N LYS C 57 17.96 1.32 -5.21
CA LYS C 57 18.68 1.47 -6.46
C LYS C 57 20.18 1.52 -6.13
N GLU C 58 21.04 1.01 -7.01
CA GLU C 58 22.48 1.01 -6.74
C GLU C 58 23.33 1.01 -8.02
N ILE C 59 24.46 1.70 -7.98
CA ILE C 59 25.40 1.70 -9.09
C ILE C 59 26.72 1.62 -8.36
N GLY C 60 27.57 0.69 -8.83
CA GLY C 60 28.98 0.58 -8.38
C GLY C 60 29.21 -0.26 -7.14
N GLU C 61 30.48 -0.53 -6.84
CA GLU C 61 30.90 -1.41 -5.75
C GLU C 61 31.46 -0.54 -4.64
N PHE C 62 31.42 -1.03 -3.42
CA PHE C 62 31.93 -0.27 -2.28
C PHE C 62 33.42 -0.40 -2.18
N SER C 63 34.08 0.62 -1.62
CA SER C 63 35.51 0.43 -1.26
C SER C 63 35.88 1.16 0.01
N GLU C 64 36.68 0.52 0.90
CA GLU C 64 37.17 1.22 2.09
C GLU C 64 38.12 2.40 1.72
N HIS C 65 38.55 2.49 0.45
CA HIS C 65 39.50 3.49 0.01
C HIS C 65 38.77 4.63 -0.59
N HIS C 66 37.46 4.49 -0.74
CA HIS C 66 36.60 5.64 -1.12
C HIS C 66 36.11 6.57 -0.04
N PHE C 67 35.78 7.79 -0.45
CA PHE C 67 35.09 8.80 0.36
C PHE C 67 33.58 8.62 0.13
N TYR C 68 32.78 8.72 1.19
CA TYR C 68 31.31 8.68 1.09
C TYR C 68 30.64 9.89 1.71
N CYS C 69 29.57 10.32 1.05
CA CYS C 69 28.63 11.22 1.73
C CYS C 69 27.31 10.50 2.00
N ALA C 70 26.92 10.39 3.29
CA ALA C 70 25.64 9.85 3.63
C ALA C 70 24.64 11.03 3.72
N ILE C 71 23.60 10.99 2.89
CA ILE C 71 22.55 12.04 2.94
C ILE C 71 21.29 11.51 3.63
N PHE C 72 20.91 12.15 4.76
CA PHE C 72 19.65 11.78 5.46
C PHE C 72 18.49 12.64 5.01
N ILE C 73 17.42 12.01 4.54
CA ILE C 73 16.32 12.76 3.95
C ILE C 73 15.03 12.42 4.68
N PRO C 74 14.58 13.31 5.59
CA PRO C 74 13.42 12.92 6.34
C PRO C 74 12.23 13.03 5.39
N SER C 75 11.20 12.27 5.65
CA SER C 75 9.97 12.36 4.84
C SER C 75 8.89 12.21 5.86
N THR C 76 7.74 12.88 5.66
CA THR C 76 6.54 12.50 6.40
C THR C 76 6.01 11.16 5.80
N GLU C 77 5.30 10.36 6.59
CA GLU C 77 4.80 9.07 6.14
C GLU C 77 3.94 9.21 4.88
N ASP C 78 3.12 10.26 4.92
CA ASP C 78 2.27 10.83 3.85
C ASP C 78 2.92 10.96 2.48
N HIS C 79 4.20 11.31 2.50
CA HIS C 79 4.97 11.65 1.30
C HIS C 79 6.04 10.64 0.93
N ALA C 80 6.18 9.56 1.69
CA ALA C 80 7.28 8.61 1.46
C ALA C 80 7.16 7.89 0.11
N TYR C 81 5.98 7.40 -0.29
CA TYR C 81 5.89 6.77 -1.63
C TYR C 81 6.27 7.78 -2.74
N GLN C 82 5.74 9.00 -2.69
CA GLN C 82 6.09 10.04 -3.73
C GLN C 82 7.59 10.41 -3.72
N LEU C 83 8.18 10.54 -2.51
CA LEU C 83 9.61 10.69 -2.39
C LEU C 83 10.44 9.64 -3.11
N GLU C 84 10.09 8.37 -2.86
CA GLU C 84 10.83 7.28 -3.39
C GLU C 84 10.67 7.24 -4.92
N LYS C 85 9.45 7.53 -5.39
CA LYS C 85 9.24 7.55 -6.82
C LYS C 85 10.02 8.72 -7.43
N LYS C 86 10.02 9.91 -6.83
CA LYS C 86 10.81 11.04 -7.34
C LYS C 86 12.31 10.70 -7.41
N LEU C 87 12.88 10.14 -6.32
CA LEU C 87 14.34 9.90 -6.28
C LEU C 87 14.71 8.82 -7.25
N ILE C 88 13.84 7.84 -7.41
CA ILE C 88 14.05 6.72 -8.33
C ILE C 88 14.14 7.22 -9.76
N SER C 89 13.45 8.32 -10.03
CA SER C 89 13.31 8.76 -11.44
C SER C 89 14.46 9.70 -11.87
N VAL C 90 15.28 10.11 -10.91
CA VAL C 90 16.42 11.00 -11.20
C VAL C 90 17.36 10.30 -12.19
N ASP C 91 17.78 11.04 -13.21
CA ASP C 91 18.57 10.48 -14.30
C ASP C 91 19.93 10.02 -13.79
N ASP C 92 20.30 8.79 -14.14
CA ASP C 92 21.57 8.17 -13.72
C ASP C 92 22.85 8.91 -14.18
N ASN C 93 22.68 10.01 -14.93
CA ASN C 93 23.79 10.75 -15.61
C ASN C 93 24.81 11.45 -14.69
N PHE C 94 24.47 11.59 -13.42
CA PHE C 94 25.46 11.99 -12.40
C PHE C 94 26.58 10.92 -12.31
N ARG C 95 26.33 9.69 -12.81
CA ARG C 95 27.38 8.66 -12.86
C ARG C 95 28.62 9.02 -13.71
N ASN C 96 28.59 10.17 -14.38
CA ASN C 96 29.72 10.65 -15.20
C ASN C 96 30.47 11.90 -14.70
N PHE C 97 30.13 12.42 -13.51
CA PHE C 97 30.90 13.51 -12.87
C PHE C 97 32.26 13.00 -12.37
N GLY C 98 33.28 13.86 -12.44
CA GLY C 98 34.66 13.52 -12.02
C GLY C 98 34.74 12.78 -10.69
N GLY C 99 35.24 11.54 -10.72
CA GLY C 99 35.62 10.80 -9.52
C GLY C 99 34.47 10.07 -8.84
N PHE C 100 33.37 9.90 -9.57
CA PHE C 100 32.22 9.10 -9.13
C PHE C 100 32.62 7.63 -9.04
N LYS C 101 32.19 6.98 -7.96
CA LYS C 101 32.49 5.59 -7.68
C LYS C 101 31.17 4.85 -7.44
N SER C 102 30.25 5.42 -6.65
CA SER C 102 29.04 4.64 -6.40
C SER C 102 27.82 5.41 -5.89
N TYR C 103 26.67 4.77 -6.00
CA TYR C 103 25.41 5.35 -5.50
C TYR C 103 24.60 4.23 -4.81
N ARG C 104 23.99 4.56 -3.67
CA ARG C 104 22.89 3.73 -3.13
C ARG C 104 21.74 4.60 -2.78
N LEU C 105 20.52 4.15 -3.07
CA LEU C 105 19.30 4.83 -2.54
C LEU C 105 18.69 3.84 -1.60
N LEU C 106 18.47 4.24 -0.36
CA LEU C 106 18.13 3.27 0.72
C LEU C 106 16.76 3.65 1.42
N ARG C 107 15.89 2.64 1.45
CA ARG C 107 14.59 2.76 2.10
CA ARG C 107 14.59 2.78 2.12
C ARG C 107 14.68 2.18 3.53
N PRO C 108 14.40 3.01 4.58
CA PRO C 108 14.57 2.48 5.95
C PRO C 108 13.47 1.45 6.35
N ALA C 109 13.91 0.41 7.03
CA ALA C 109 13.01 -0.61 7.63
C ALA C 109 12.08 -0.01 8.67
N LYS C 110 12.55 1.02 9.33
CA LYS C 110 11.74 1.67 10.35
C LYS C 110 11.78 3.17 10.12
N GLY C 111 10.62 3.82 10.22
CA GLY C 111 10.51 5.26 10.07
C GLY C 111 10.45 5.56 8.59
N THR C 112 10.61 6.84 8.25
CA THR C 112 10.73 7.23 6.83
C THR C 112 11.87 8.20 6.53
N THR C 113 12.97 8.08 7.25
CA THR C 113 14.15 8.85 6.85
C THR C 113 14.93 8.04 5.83
N TYR C 114 14.78 8.43 4.58
CA TYR C 114 15.52 7.77 3.50
C TYR C 114 17.02 8.16 3.55
N LYS C 115 17.87 7.34 2.96
CA LYS C 115 19.32 7.65 3.00
C LYS C 115 19.91 7.38 1.61
N ILE C 116 20.86 8.23 1.23
CA ILE C 116 21.56 8.02 -0.01
C ILE C 116 23.03 7.95 0.42
N TYR C 117 23.76 6.97 -0.14
CA TYR C 117 25.25 7.03 -0.09
C TYR C 117 25.80 7.39 -1.47
N PHE C 118 26.65 8.41 -1.51
CA PHE C 118 27.45 8.81 -2.74
C PHE C 118 28.92 8.47 -2.47
N GLY C 119 29.47 7.49 -3.18
CA GLY C 119 30.90 7.16 -3.06
C GLY C 119 31.65 7.81 -4.23
N PHE C 120 32.68 8.56 -3.88
CA PHE C 120 33.60 9.20 -4.84
C PHE C 120 35.04 8.88 -4.49
N ALA C 121 35.95 9.11 -5.46
CA ALA C 121 37.39 8.90 -5.30
C ALA C 121 37.95 9.64 -4.10
N ASP C 122 37.42 10.83 -3.83
CA ASP C 122 37.80 11.64 -2.66
C ASP C 122 36.78 12.73 -2.39
N ARG C 123 36.96 13.47 -1.32
CA ARG C 123 35.97 14.47 -0.96
C ARG C 123 35.89 15.63 -1.95
N HIS C 124 37.05 16.05 -2.45
CA HIS C 124 37.11 17.13 -3.47
C HIS C 124 36.12 16.83 -4.58
N ALA C 125 36.17 15.59 -5.08
CA ALA C 125 35.31 15.13 -6.16
C ALA C 125 33.82 15.19 -5.78
N TYR C 126 33.43 14.68 -4.61
CA TYR C 126 32.05 14.94 -4.07
C TYR C 126 31.66 16.44 -3.97
N GLU C 127 32.58 17.28 -3.50
CA GLU C 127 32.32 18.72 -3.29
C GLU C 127 31.95 19.40 -4.62
N ASP C 128 32.70 19.02 -5.67
CA ASP C 128 32.47 19.50 -7.05
C ASP C 128 31.10 19.07 -7.60
N PHE C 129 30.72 17.83 -7.29
CA PHE C 129 29.45 17.28 -7.79
C PHE C 129 28.27 18.00 -7.14
N LYS C 130 28.45 18.36 -5.87
CA LYS C 130 27.42 19.05 -5.12
C LYS C 130 27.05 20.43 -5.63
N GLN C 131 27.99 21.10 -6.29
CA GLN C 131 27.70 22.43 -6.84
C GLN C 131 27.05 22.37 -8.21
N SER C 132 27.04 21.19 -8.85
CA SER C 132 26.35 21.04 -10.15
C SER C 132 24.82 21.18 -10.01
N ASP C 133 24.18 21.52 -11.14
CA ASP C 133 22.75 21.42 -11.31
C ASP C 133 22.21 20.02 -11.05
N ALA C 134 22.91 18.99 -11.58
CA ALA C 134 22.54 17.58 -11.44
C ALA C 134 22.30 17.13 -9.99
N PHE C 135 22.94 17.84 -9.05
CA PHE C 135 22.76 17.64 -7.60
C PHE C 135 21.81 18.67 -6.97
N ASN C 136 22.01 19.94 -7.29
CA ASN C 136 21.25 20.97 -6.59
C ASN C 136 19.73 20.90 -6.89
N ASP C 137 19.38 20.27 -8.01
CA ASP C 137 17.98 20.21 -8.49
C ASP C 137 17.31 18.90 -8.07
N HIS C 138 18.11 17.89 -7.71
CA HIS C 138 17.61 16.56 -7.38
C HIS C 138 17.81 16.13 -5.95
N PHE C 139 18.94 16.51 -5.33
CA PHE C 139 19.37 15.87 -4.04
C PHE C 139 19.55 16.81 -2.84
N SER C 140 19.42 18.12 -3.09
CA SER C 140 19.62 19.14 -2.08
C SER C 140 18.41 19.29 -1.14
N LYS C 141 18.63 20.01 -0.04
CA LYS C 141 17.56 20.23 0.92
C LYS C 141 16.39 20.96 0.26
N ASP C 142 16.71 21.94 -0.58
CA ASP C 142 15.70 22.75 -1.27
C ASP C 142 14.89 21.91 -2.26
N ALA C 143 15.61 21.09 -3.04
CA ALA C 143 14.95 20.21 -4.00
C ALA C 143 13.92 19.31 -3.31
N LEU C 144 14.22 18.88 -2.07
CA LEU C 144 13.39 17.84 -1.46
C LEU C 144 12.46 18.32 -0.34
N SER C 145 12.33 19.65 -0.13
CA SER C 145 11.50 20.12 0.98
C SER C 145 10.04 19.72 0.92
N HIS C 146 9.48 19.51 -0.28
CA HIS C 146 8.06 19.19 -0.38
C HIS C 146 7.73 17.96 0.44
N TYR C 147 8.71 17.03 0.57
CA TYR C 147 8.46 15.71 1.18
C TYR C 147 8.63 15.63 2.68
N PHE C 148 9.27 16.66 3.25
CA PHE C 148 9.48 16.75 4.71
C PHE C 148 8.21 17.19 5.46
N SER C 156 15.55 16.26 10.55
CA SER C 156 16.32 17.25 9.76
C SER C 156 17.17 16.65 8.60
N TYR C 157 17.18 17.34 7.46
CA TYR C 157 18.03 16.98 6.34
C TYR C 157 19.50 17.21 6.74
N PHE C 158 20.36 16.25 6.52
CA PHE C 158 21.77 16.47 6.83
C PHE C 158 22.69 15.51 6.11
N GLU C 159 23.97 15.89 6.07
CA GLU C 159 25.07 15.08 5.47
C GLU C 159 26.02 14.59 6.57
N ARG C 160 26.47 13.34 6.47
CA ARG C 160 27.60 12.91 7.23
C ARG C 160 28.70 12.42 6.28
N TYR C 161 29.91 13.01 6.38
CA TYR C 161 31.02 12.59 5.54
C TYR C 161 31.69 11.39 6.16
N LEU C 162 32.03 10.45 5.31
CA LEU C 162 32.75 9.25 5.66
C LEU C 162 34.12 9.13 4.98
N TYR C 163 35.18 9.20 5.80
CA TYR C 163 36.56 9.24 5.33
C TYR C 163 37.29 7.90 5.35
N PRO C 164 38.05 7.58 4.29
CA PRO C 164 38.83 6.35 4.27
C PRO C 164 39.79 6.37 5.47
N ILE C 165 39.86 5.26 6.22
CA ILE C 165 40.79 5.09 7.35
C ILE C 165 42.18 4.97 6.78
N LYS C 166 43.03 5.89 7.21
CA LYS C 166 44.41 5.94 6.78
C LYS C 166 45.31 5.66 8.00
N LYS D 2 4.76 -15.21 -3.95
CA LYS D 2 6.17 -15.66 -4.00
C LYS D 2 6.28 -17.12 -3.53
N LYS D 3 5.70 -17.48 -2.37
CA LYS D 3 5.71 -18.89 -1.92
C LYS D 3 4.32 -19.57 -2.14
N LEU D 4 4.34 -20.86 -2.33
CA LEU D 4 3.17 -21.70 -2.41
C LEU D 4 3.15 -22.77 -1.31
N TYR D 5 2.01 -22.84 -0.64
CA TYR D 5 1.75 -23.73 0.51
C TYR D 5 0.64 -24.73 0.13
N THR D 6 0.91 -26.03 0.26
CA THR D 6 -0.11 -27.07 0.02
C THR D 6 -0.35 -27.85 1.31
N SER D 7 -1.64 -27.96 1.69
CA SER D 7 -2.11 -28.78 2.79
C SER D 7 -3.24 -29.79 2.44
N TYR D 8 -3.53 -30.68 3.38
CA TYR D 8 -4.24 -31.93 3.06
C TYR D 8 -5.09 -32.25 4.25
N GLY D 9 -6.33 -32.70 4.03
CA GLY D 9 -7.13 -33.15 5.14
C GLY D 9 -8.52 -33.44 4.64
N THR D 10 -9.50 -33.60 5.56
CA THR D 10 -10.88 -33.80 5.12
C THR D 10 -11.44 -32.52 4.51
N TYR D 11 -12.45 -32.68 3.65
CA TYR D 11 -13.08 -31.52 2.97
C TYR D 11 -13.59 -30.46 3.99
N GLY D 12 -14.25 -30.96 5.04
CA GLY D 12 -14.86 -30.03 5.97
C GLY D 12 -13.90 -29.23 6.84
N PHE D 13 -12.79 -29.81 7.23
CA PHE D 13 -11.75 -29.14 8.02
C PHE D 13 -11.10 -28.07 7.16
N LEU D 14 -10.76 -28.42 5.92
CA LEU D 14 -10.12 -27.36 5.06
C LEU D 14 -11.10 -26.24 4.73
N HIS D 15 -12.36 -26.62 4.48
CA HIS D 15 -13.38 -25.61 4.15
C HIS D 15 -13.56 -24.59 5.26
N GLN D 16 -13.53 -25.08 6.49
CA GLN D 16 -13.71 -24.20 7.64
C GLN D 16 -12.53 -23.25 7.81
N ILE D 17 -11.31 -23.69 7.47
CA ILE D 17 -10.16 -22.77 7.48
C ILE D 17 -10.39 -21.62 6.50
N LYS D 18 -10.92 -21.90 5.30
N LYS D 18 -10.90 -21.94 5.31
CA LYS D 18 -11.28 -20.79 4.40
CA LYS D 18 -11.36 -20.93 4.32
C LYS D 18 -12.29 -19.81 4.97
C LYS D 18 -12.30 -19.89 4.91
N ILE D 19 -13.33 -20.35 5.63
CA ILE D 19 -14.41 -19.47 6.18
C ILE D 19 -13.83 -18.64 7.26
N ASN D 20 -12.93 -19.24 8.05
CA ASN D 20 -12.39 -18.55 9.24
C ASN D 20 -11.36 -17.47 8.84
N ASN D 21 -10.99 -17.40 7.56
CA ASN D 21 -9.86 -16.56 7.11
C ASN D 21 -10.09 -15.89 5.74
N PRO D 22 -11.12 -15.02 5.66
CA PRO D 22 -11.49 -14.40 4.37
C PRO D 22 -10.44 -13.42 3.87
N THR D 23 -9.49 -12.99 4.73
CA THR D 23 -8.41 -12.08 4.23
C THR D 23 -7.26 -12.90 3.63
N HIS D 24 -7.49 -14.18 3.43
CA HIS D 24 -6.58 -15.05 2.68
C HIS D 24 -7.32 -15.67 1.49
N GLN D 25 -6.60 -15.97 0.43
CA GLN D 25 -7.20 -16.51 -0.79
C GLN D 25 -6.74 -17.91 -0.97
N LEU D 26 -7.67 -18.84 -0.75
CA LEU D 26 -7.32 -20.29 -0.65
C LEU D 26 -8.08 -21.08 -1.68
N PHE D 27 -7.39 -22.08 -2.27
CA PHE D 27 -8.03 -22.81 -3.35
C PHE D 27 -8.10 -24.25 -2.98
N GLN D 28 -9.32 -24.77 -2.87
CA GLN D 28 -9.54 -26.16 -2.36
C GLN D 28 -10.09 -27.14 -3.45
N PHE D 29 -9.64 -28.40 -3.44
CA PHE D 29 -10.03 -29.38 -4.49
C PHE D 29 -10.24 -30.74 -3.89
N SER D 30 -10.93 -31.59 -4.64
CA SER D 30 -11.04 -32.96 -4.18
C SER D 30 -10.02 -33.89 -4.89
N ALA D 31 -9.52 -34.89 -4.17
CA ALA D 31 -8.50 -35.83 -4.79
C ALA D 31 -8.67 -37.19 -4.20
N SER D 32 -7.99 -38.23 -4.73
CA SER D 32 -8.21 -39.55 -4.21
C SER D 32 -7.76 -39.59 -2.73
N ASP D 33 -8.68 -39.99 -1.85
CA ASP D 33 -8.44 -40.22 -0.43
C ASP D 33 -8.02 -38.99 0.39
N THR D 34 -8.17 -37.78 -0.13
CA THR D 34 -7.84 -36.55 0.60
C THR D 34 -8.48 -35.36 -0.10
N SER D 35 -8.89 -34.36 0.68
CA SER D 35 -9.07 -33.01 0.13
C SER D 35 -7.70 -32.30 0.13
N VAL D 36 -7.56 -31.34 -0.77
CA VAL D 36 -6.30 -30.62 -0.95
C VAL D 36 -6.62 -29.11 -0.96
N ILE D 37 -5.77 -28.29 -0.37
CA ILE D 37 -5.95 -26.85 -0.44
C ILE D 37 -4.59 -26.18 -0.62
N PHE D 38 -4.52 -25.10 -1.37
CA PHE D 38 -3.23 -24.35 -1.45
C PHE D 38 -3.42 -22.83 -1.49
N GLU D 39 -2.36 -22.09 -1.10
CA GLU D 39 -2.38 -20.63 -0.97
C GLU D 39 -1.06 -20.22 -1.61
N GLU D 40 -1.08 -19.18 -2.45
CA GLU D 40 0.23 -18.63 -2.90
C GLU D 40 0.30 -17.18 -2.40
N THR D 41 1.35 -16.82 -1.65
CA THR D 41 1.27 -15.53 -0.94
C THR D 41 2.73 -15.17 -0.59
N ASP D 42 3.03 -13.87 -0.55
CA ASP D 42 4.28 -13.41 0.00
C ASP D 42 4.15 -13.11 1.52
N GLY D 43 3.02 -13.42 2.14
CA GLY D 43 2.90 -13.18 3.61
C GLY D 43 2.78 -14.51 4.33
N GLU D 44 2.22 -14.49 5.53
CA GLU D 44 2.06 -15.75 6.34
C GLU D 44 0.92 -16.58 5.75
N THR D 45 1.07 -17.90 5.81
CA THR D 45 -0.03 -18.79 5.46
C THR D 45 -0.96 -19.06 6.64
N VAL D 46 -2.22 -19.33 6.35
CA VAL D 46 -3.15 -19.88 7.36
C VAL D 46 -3.27 -21.39 7.28
N LEU D 47 -2.56 -22.03 6.34
CA LEU D 47 -2.63 -23.49 6.27
C LEU D 47 -1.80 -24.23 7.31
N LYS D 48 -2.27 -25.41 7.65
CA LYS D 48 -1.65 -26.24 8.72
C LYS D 48 -0.76 -27.33 8.14
N SER D 49 0.41 -27.54 8.73
CA SER D 49 1.38 -28.55 8.24
C SER D 49 1.58 -28.47 6.73
N PRO D 50 1.85 -27.28 6.20
CA PRO D 50 1.90 -27.29 4.74
C PRO D 50 3.22 -27.85 4.18
N SER D 51 3.21 -28.30 2.94
CA SER D 51 4.46 -28.41 2.13
C SER D 51 4.73 -27.07 1.45
N ILE D 52 5.95 -26.54 1.60
CA ILE D 52 6.27 -25.17 1.19
C ILE D 52 7.10 -25.21 -0.06
N TYR D 53 6.78 -24.31 -0.99
CA TYR D 53 7.50 -24.18 -2.25
C TYR D 53 7.77 -22.73 -2.59
N GLU D 54 8.89 -22.47 -3.27
CA GLU D 54 9.12 -21.22 -3.93
C GLU D 54 8.60 -21.30 -5.38
N VAL D 55 7.86 -20.27 -5.81
CA VAL D 55 7.32 -20.22 -7.18
C VAL D 55 8.45 -19.75 -8.11
N ILE D 56 8.93 -20.65 -8.95
N ILE D 56 8.97 -20.68 -8.92
CA ILE D 56 10.07 -20.38 -9.82
CA ILE D 56 10.02 -20.39 -9.89
C ILE D 56 9.62 -19.95 -11.24
C ILE D 56 9.42 -19.66 -11.08
N LYS D 57 8.37 -20.26 -11.64
CA LYS D 57 7.80 -19.77 -12.89
C LYS D 57 6.29 -19.92 -12.80
N GLU D 58 5.55 -18.94 -13.31
CA GLU D 58 4.06 -18.95 -13.23
C GLU D 58 3.37 -18.27 -14.41
N ILE D 59 2.28 -18.87 -14.84
CA ILE D 59 1.44 -18.32 -15.90
C ILE D 59 0.03 -18.46 -15.38
N GLY D 60 -0.75 -17.37 -15.45
CA GLY D 60 -2.19 -17.42 -15.25
C GLY D 60 -2.69 -17.50 -13.81
N GLU D 61 -4.01 -17.31 -13.65
CA GLU D 61 -4.61 -17.22 -12.28
C GLU D 61 -5.25 -18.51 -11.84
N PHE D 62 -5.30 -18.75 -10.53
CA PHE D 62 -5.99 -19.92 -9.99
C PHE D 62 -7.51 -19.79 -9.98
N SER D 63 -8.20 -20.93 -10.03
CA SER D 63 -9.67 -20.91 -9.76
C SER D 63 -10.10 -22.20 -9.15
N GLU D 64 -11.02 -22.13 -8.19
CA GLU D 64 -11.59 -23.38 -7.67
C GLU D 64 -12.50 -24.15 -8.70
N HIS D 65 -12.78 -23.52 -9.81
CA HIS D 65 -13.60 -24.16 -10.89
C HIS D 65 -12.76 -24.80 -11.94
N HIS D 66 -11.45 -24.61 -11.84
CA HIS D 66 -10.53 -25.37 -12.71
C HIS D 66 -10.13 -26.76 -12.21
N PHE D 67 -9.71 -27.60 -13.17
CA PHE D 67 -9.09 -28.88 -12.92
C PHE D 67 -7.58 -28.71 -12.89
N TYR D 68 -6.92 -29.26 -11.87
CA TYR D 68 -5.47 -29.26 -11.84
C TYR D 68 -4.86 -30.65 -11.87
N CYS D 69 -3.69 -30.78 -12.50
CA CYS D 69 -2.89 -31.96 -12.27
C CYS D 69 -1.61 -31.46 -11.62
N ALA D 70 -1.29 -32.05 -10.47
CA ALA D 70 -0.07 -31.86 -9.75
C ALA D 70 0.91 -32.96 -10.15
N ILE D 71 2.05 -32.60 -10.68
CA ILE D 71 3.09 -33.58 -11.06
C ILE D 71 4.25 -33.48 -10.08
N PHE D 72 4.56 -34.57 -9.38
CA PHE D 72 5.69 -34.63 -8.47
C PHE D 72 6.88 -35.20 -9.19
N ILE D 73 7.95 -34.43 -9.23
CA ILE D 73 9.15 -34.80 -9.98
C ILE D 73 10.33 -34.98 -9.03
N PRO D 74 10.64 -36.22 -8.69
CA PRO D 74 11.79 -36.37 -7.79
C PRO D 74 13.13 -35.93 -8.42
N SER D 75 14.10 -35.63 -7.57
CA SER D 75 15.43 -35.36 -8.04
C SER D 75 16.41 -35.82 -6.97
N THR D 76 17.68 -35.96 -7.35
CA THR D 76 18.78 -36.04 -6.36
C THR D 76 19.38 -34.64 -6.18
N GLU D 77 20.02 -34.34 -5.05
CA GLU D 77 20.46 -32.96 -4.81
C GLU D 77 21.45 -32.53 -5.90
N ASP D 78 22.14 -33.55 -6.40
CA ASP D 78 23.09 -33.53 -7.52
C ASP D 78 22.62 -33.02 -8.87
N HIS D 79 21.32 -33.22 -9.15
CA HIS D 79 20.66 -32.99 -10.44
C HIS D 79 19.59 -31.92 -10.31
N ALA D 80 19.40 -31.39 -9.11
CA ALA D 80 18.27 -30.48 -8.89
C ALA D 80 18.41 -29.17 -9.65
N TYR D 81 19.60 -28.54 -9.52
CA TYR D 81 19.91 -27.36 -10.31
C TYR D 81 19.63 -27.62 -11.78
N GLN D 82 20.14 -28.72 -12.32
CA GLN D 82 19.95 -29.04 -13.76
C GLN D 82 18.49 -29.26 -14.14
N LEU D 83 17.78 -30.02 -13.31
CA LEU D 83 16.33 -30.23 -13.54
C LEU D 83 15.61 -28.88 -13.61
N GLU D 84 15.89 -28.02 -12.65
CA GLU D 84 15.20 -26.72 -12.60
C GLU D 84 15.46 -25.89 -13.88
N LYS D 85 16.74 -25.80 -14.26
CA LYS D 85 17.18 -25.15 -15.52
C LYS D 85 16.55 -25.77 -16.80
N LYS D 86 16.36 -27.08 -16.82
CA LYS D 86 15.68 -27.71 -17.95
CA LYS D 86 15.68 -27.72 -17.96
C LYS D 86 14.22 -27.29 -18.08
N LEU D 87 13.50 -27.30 -16.96
CA LEU D 87 12.06 -27.07 -16.95
C LEU D 87 11.74 -25.63 -17.27
N ILE D 88 12.56 -24.70 -16.77
CA ILE D 88 12.42 -23.28 -17.04
C ILE D 88 12.58 -23.04 -18.55
N SER D 89 13.43 -23.84 -19.21
CA SER D 89 13.76 -23.66 -20.63
C SER D 89 12.68 -24.19 -21.60
N VAL D 90 11.69 -24.91 -21.09
CA VAL D 90 10.56 -25.35 -21.93
C VAL D 90 9.81 -24.16 -22.53
N ASP D 91 9.73 -24.14 -23.87
CA ASP D 91 8.92 -23.13 -24.57
C ASP D 91 7.50 -23.13 -24.03
N ASP D 92 6.91 -21.95 -23.92
CA ASP D 92 5.59 -21.78 -23.29
C ASP D 92 4.59 -22.29 -24.32
N ASN D 93 4.69 -23.58 -24.65
CA ASN D 93 4.01 -24.28 -25.76
C ASN D 93 2.63 -24.78 -25.31
N PHE D 94 2.57 -25.39 -24.12
CA PHE D 94 1.34 -25.82 -23.52
C PHE D 94 0.30 -24.67 -23.48
N ARG D 95 0.78 -23.43 -23.47
CA ARG D 95 -0.03 -22.24 -23.22
C ARG D 95 -1.28 -22.20 -24.10
N ASN D 96 -1.19 -22.91 -25.22
CA ASN D 96 -2.20 -22.93 -26.27
C ASN D 96 -2.76 -24.31 -26.69
N PHE D 97 -2.63 -25.32 -25.84
CA PHE D 97 -3.52 -26.49 -25.97
C PHE D 97 -4.92 -26.05 -25.55
N GLY D 98 -5.96 -26.62 -26.18
CA GLY D 98 -7.35 -26.35 -25.80
C GLY D 98 -7.53 -26.36 -24.27
N GLY D 99 -8.18 -25.33 -23.73
CA GLY D 99 -8.55 -25.35 -22.29
C GLY D 99 -7.47 -24.97 -21.30
N PHE D 100 -6.25 -24.64 -21.77
CA PHE D 100 -5.17 -24.19 -20.84
C PHE D 100 -5.56 -22.99 -19.98
N LYS D 101 -5.34 -23.08 -18.68
CA LYS D 101 -5.65 -21.98 -17.77
C LYS D 101 -4.43 -21.46 -16.97
N SER D 102 -3.58 -22.35 -16.50
CA SER D 102 -2.46 -21.93 -15.65
C SER D 102 -1.33 -22.93 -15.54
N TYR D 103 -0.17 -22.41 -15.12
CA TYR D 103 1.06 -23.19 -14.90
C TYR D 103 1.86 -22.67 -13.71
N ARG D 104 2.32 -23.59 -12.87
CA ARG D 104 3.29 -23.28 -11.81
C ARG D 104 4.43 -24.31 -11.82
N LEU D 105 5.66 -23.83 -11.74
CA LEU D 105 6.82 -24.69 -11.51
C LEU D 105 7.33 -24.28 -10.12
N LEU D 106 7.47 -25.25 -9.23
CA LEU D 106 7.59 -25.04 -7.76
C LEU D 106 8.83 -25.81 -7.24
N ARG D 107 9.68 -25.04 -6.55
CA ARG D 107 10.88 -25.57 -5.90
CA ARG D 107 10.87 -25.58 -5.89
C ARG D 107 10.59 -25.81 -4.41
N PRO D 108 10.85 -27.05 -3.92
CA PRO D 108 10.48 -27.34 -2.57
C PRO D 108 11.44 -26.68 -1.59
N ALA D 109 10.88 -26.19 -0.51
CA ALA D 109 11.71 -25.68 0.58
C ALA D 109 12.53 -26.77 1.25
N LYS D 110 11.97 -27.96 1.38
CA LYS D 110 12.59 -29.12 2.07
C LYS D 110 12.77 -30.21 0.99
N GLY D 111 13.95 -30.83 0.91
CA GLY D 111 14.17 -31.93 -0.04
C GLY D 111 14.38 -31.47 -1.47
N THR D 112 14.24 -32.41 -2.39
CA THR D 112 14.39 -32.13 -3.81
C THR D 112 13.27 -32.68 -4.72
N THR D 113 12.10 -32.99 -4.20
CA THR D 113 10.96 -33.30 -5.09
C THR D 113 10.27 -32.01 -5.58
N TYR D 114 10.54 -31.60 -6.83
CA TYR D 114 9.92 -30.44 -7.49
C TYR D 114 8.47 -30.79 -7.84
N LYS D 115 7.66 -29.77 -8.02
CA LYS D 115 6.20 -29.97 -8.33
C LYS D 115 5.85 -29.01 -9.45
N ILE D 116 4.99 -29.48 -10.37
CA ILE D 116 4.30 -28.63 -11.35
C ILE D 116 2.79 -28.71 -11.12
N TYR D 117 2.14 -27.55 -11.16
CA TYR D 117 0.66 -27.56 -11.32
C TYR D 117 0.27 -27.18 -12.75
N PHE D 118 -0.47 -28.07 -13.43
CA PHE D 118 -1.10 -27.71 -14.73
C PHE D 118 -2.61 -27.43 -14.48
N GLY D 119 -3.04 -26.20 -14.68
CA GLY D 119 -4.50 -25.85 -14.56
C GLY D 119 -5.23 -25.81 -15.93
N PHE D 120 -6.25 -26.65 -16.08
CA PHE D 120 -7.04 -26.69 -17.33
C PHE D 120 -8.55 -26.53 -17.04
N ALA D 121 -9.31 -26.24 -18.10
CA ALA D 121 -10.76 -26.04 -18.05
C ALA D 121 -11.45 -27.20 -17.40
N ASP D 122 -10.96 -28.42 -17.69
CA ASP D 122 -11.51 -29.69 -17.21
C ASP D 122 -10.50 -30.87 -17.39
N ARG D 123 -10.84 -32.07 -16.87
CA ARG D 123 -9.93 -33.22 -16.86
C ARG D 123 -9.59 -33.66 -18.30
N HIS D 124 -10.63 -33.77 -19.14
CA HIS D 124 -10.46 -34.16 -20.59
CA HIS D 124 -10.39 -34.22 -20.60
C HIS D 124 -9.45 -33.27 -21.29
N ALA D 125 -9.53 -31.95 -21.10
CA ALA D 125 -8.55 -31.02 -21.67
C ALA D 125 -7.10 -31.29 -21.24
N TYR D 126 -6.85 -31.59 -19.95
CA TYR D 126 -5.52 -31.92 -19.43
C TYR D 126 -5.05 -33.19 -20.11
N GLU D 127 -5.97 -34.16 -20.25
CA GLU D 127 -5.68 -35.48 -20.85
C GLU D 127 -5.23 -35.37 -22.30
N ASP D 128 -5.91 -34.50 -23.07
CA ASP D 128 -5.57 -34.20 -24.50
C ASP D 128 -4.16 -33.64 -24.59
N PHE D 129 -3.85 -32.68 -23.69
CA PHE D 129 -2.52 -32.11 -23.57
C PHE D 129 -1.49 -33.20 -23.22
N LYS D 130 -1.77 -34.00 -22.19
CA LYS D 130 -0.88 -35.08 -21.73
C LYS D 130 -0.51 -36.10 -22.83
N GLN D 131 -1.46 -36.50 -23.67
CA GLN D 131 -1.15 -37.47 -24.74
C GLN D 131 -0.32 -36.89 -25.87
N SER D 132 -0.17 -35.56 -25.89
CA SER D 132 0.55 -34.92 -27.03
C SER D 132 2.05 -35.12 -26.94
N ASP D 133 2.75 -34.93 -28.08
CA ASP D 133 4.19 -34.90 -28.05
C ASP D 133 4.72 -33.77 -27.17
N ALA D 134 4.02 -32.63 -27.13
CA ALA D 134 4.42 -31.45 -26.33
C ALA D 134 4.52 -31.67 -24.79
N PHE D 135 3.78 -32.66 -24.28
CA PHE D 135 3.91 -33.03 -22.88
C PHE D 135 4.86 -34.21 -22.78
N ASN D 136 4.79 -35.16 -23.73
CA ASN D 136 5.60 -36.36 -23.62
C ASN D 136 7.09 -36.10 -23.78
N ASP D 137 7.40 -35.04 -24.51
CA ASP D 137 8.78 -34.70 -24.83
C ASP D 137 9.50 -33.97 -23.68
N HIS D 138 8.73 -33.38 -22.76
CA HIS D 138 9.25 -32.41 -21.76
C HIS D 138 8.73 -32.51 -20.36
N PHE D 139 7.65 -33.22 -20.10
CA PHE D 139 6.99 -33.19 -18.74
C PHE D 139 6.76 -34.61 -18.28
N SER D 140 6.92 -35.57 -19.21
CA SER D 140 6.58 -36.92 -18.88
C SER D 140 7.70 -37.56 -18.03
N LYS D 141 7.44 -38.75 -17.49
CA LYS D 141 8.45 -39.47 -16.69
C LYS D 141 9.69 -39.81 -17.47
N ASP D 142 9.46 -40.25 -18.71
CA ASP D 142 10.56 -40.61 -19.59
C ASP D 142 11.41 -39.36 -19.95
N ALA D 143 10.78 -38.22 -20.19
CA ALA D 143 11.49 -36.96 -20.51
C ALA D 143 12.38 -36.41 -19.37
N LEU D 144 12.01 -36.75 -18.14
CA LEU D 144 12.68 -36.20 -16.97
C LEU D 144 13.49 -37.22 -16.21
N SER D 145 13.51 -38.42 -16.74
CA SER D 145 14.19 -39.54 -16.10
C SER D 145 15.68 -39.33 -15.79
N HIS D 146 16.42 -38.65 -16.66
CA HIS D 146 17.82 -38.32 -16.39
C HIS D 146 18.09 -37.68 -15.00
N TYR D 147 17.08 -36.99 -14.43
CA TYR D 147 17.23 -36.22 -13.16
C TYR D 147 16.95 -36.94 -11.84
N PHE D 148 16.30 -38.12 -11.88
CA PHE D 148 16.30 -39.03 -10.70
C PHE D 148 17.34 -40.17 -10.79
CA SER D 155 10.10 -40.53 -3.89
C SER D 155 9.99 -40.90 -5.36
N SER D 156 8.78 -41.21 -5.84
CA SER D 156 8.57 -41.64 -7.23
C SER D 156 7.92 -40.53 -8.06
N TYR D 157 8.08 -40.60 -9.38
CA TYR D 157 7.39 -39.66 -10.25
C TYR D 157 5.93 -39.97 -10.15
N PHE D 158 5.07 -38.96 -10.05
CA PHE D 158 3.66 -39.27 -9.94
C PHE D 158 2.67 -38.10 -10.07
N GLU D 159 1.47 -38.43 -10.57
CA GLU D 159 0.43 -37.44 -10.80
C GLU D 159 -0.62 -37.57 -9.71
N ARG D 160 -1.14 -36.45 -9.19
CA ARG D 160 -2.36 -36.44 -8.38
C ARG D 160 -3.33 -35.47 -9.06
N TYR D 161 -4.47 -35.97 -9.50
CA TYR D 161 -5.56 -35.10 -9.97
C TYR D 161 -6.33 -34.37 -8.83
N LEU D 162 -6.57 -33.08 -9.04
CA LEU D 162 -7.32 -32.22 -8.13
C LEU D 162 -8.57 -31.82 -8.87
N TYR D 163 -9.71 -32.34 -8.42
CA TYR D 163 -10.98 -32.08 -9.13
C TYR D 163 -11.69 -30.88 -8.52
N PRO D 164 -12.25 -29.97 -9.40
CA PRO D 164 -13.09 -28.86 -8.87
C PRO D 164 -14.34 -29.42 -8.18
N ILE D 165 -14.71 -28.84 -7.03
CA ILE D 165 -15.80 -29.36 -6.17
C ILE D 165 -17.09 -28.73 -6.65
N LYS D 166 -18.10 -29.61 -6.85
CA LYS D 166 -19.55 -29.27 -7.00
C LYS D 166 -19.91 -29.21 -8.48
C FMT E . -10.81 31.03 11.77
O1 FMT E . -10.43 29.87 12.04
O2 FMT E . -11.58 31.68 12.68
C FMT F . -14.89 -9.82 -0.60
O1 FMT F . -14.19 -10.69 -0.05
O2 FMT F . -15.40 -8.79 0.18
C FMT G . 25.35 6.87 7.66
O1 FMT G . 24.95 5.72 7.55
O2 FMT G . 25.54 7.46 8.85
C FMT H . -0.98 -31.80 -4.76
O1 FMT H . -0.97 -32.65 -3.90
O2 FMT H . -0.28 -30.75 -4.50
#